data_3VD2
#
_entry.id   3VD2
#
_cell.length_a   158.400
_cell.length_b   91.127
_cell.length_c   137.475
_cell.angle_alpha   90.00
_cell.angle_beta   90.20
_cell.angle_gamma   90.00
#
_symmetry.space_group_name_H-M   'C 1 2 1'
#
loop_
_entity.id
_entity.type
_entity.pdbx_description
1 polymer 'Tumor protein p73'
2 polymer "DNA (5'-D(*AP*TP*GP*GP*AP*CP*AP*TP*GP*TP*CP*CP*AP*T)-3')"
3 non-polymer 'ZINC ION'
#
loop_
_entity_poly.entity_id
_entity_poly.type
_entity_poly.pdbx_seq_one_letter_code
_entity_poly.pdbx_strand_id
1 'polypeptide(L)'
;MGHHHHHHHHEFIPSNTDYPGPHHFEVTFQQSSTAKSATWTYSPLLKKLYCQIAKTCPIQIKVSTPPPPGTAIRAMPVYK
KAEHVTDVVKRCPNHELGRDFNEGQSAPASHLIRVEGNNLSQYVDDPVTGRQSVVVPYEPPQVGTEFTTILYNFMCNSSC
VGGMNRRPILIIITLEMRDGQVLGRRSFEGRICACPGRDRKADEDHYREQ
;
A,B,C,D,I,J
2 'polydeoxyribonucleotide' (DA)(DT)(DG)(DG)(DA)(DC)(DA)(DT)(DG)(DT)(DC)(DC)(DA)(DT) E,F,G,H,L,K
#
# COMPACT_ATOMS: atom_id res chain seq x y z
N HIS A 8 -4.71 37.97 -4.90
CA HIS A 8 -4.02 38.70 -3.80
C HIS A 8 -4.04 37.88 -2.50
N HIS A 9 -4.73 36.74 -2.54
CA HIS A 9 -4.82 35.81 -1.40
C HIS A 9 -3.77 34.75 -1.78
N HIS A 10 -2.53 35.21 -1.98
CA HIS A 10 -1.38 34.41 -2.46
C HIS A 10 -0.78 33.17 -1.78
N GLU A 11 -0.87 33.03 -0.45
CA GLU A 11 -0.28 31.84 0.19
C GLU A 11 -1.05 30.55 -0.11
N PHE A 12 -0.38 29.59 -0.78
CA PHE A 12 -0.98 28.30 -1.15
C PHE A 12 -1.60 27.62 0.07
N ILE A 13 -0.78 27.31 1.07
CA ILE A 13 -1.27 26.71 2.30
C ILE A 13 -1.79 27.86 3.15
N PRO A 14 -2.97 27.71 3.77
CA PRO A 14 -3.50 28.79 4.60
C PRO A 14 -2.45 29.29 5.61
N SER A 15 -2.32 30.60 5.73
CA SER A 15 -1.35 31.23 6.63
C SER A 15 -1.85 31.23 8.10
N ASN A 16 -1.07 30.58 8.97
CA ASN A 16 -1.40 30.39 10.40
C ASN A 16 -0.96 31.37 11.52
N THR A 17 0.34 31.46 11.79
CA THR A 17 0.87 32.34 12.86
C THR A 17 0.17 33.72 13.00
N ASP A 18 -0.15 34.08 14.25
CA ASP A 18 -0.87 35.32 14.57
C ASP A 18 -0.26 36.68 14.24
N TYR A 19 -1.14 37.62 13.88
CA TYR A 19 -0.76 38.99 13.52
C TYR A 19 -1.88 39.96 13.80
N PRO A 20 -1.84 40.63 14.96
CA PRO A 20 -2.87 41.59 15.35
C PRO A 20 -2.98 42.77 14.38
N GLY A 21 -1.87 43.15 13.78
CA GLY A 21 -1.89 44.23 12.80
C GLY A 21 -2.07 45.66 13.27
N PRO A 22 -2.17 46.60 12.31
CA PRO A 22 -2.35 48.04 12.49
C PRO A 22 -3.50 48.34 13.44
N HIS A 23 -4.69 47.90 13.08
CA HIS A 23 -5.82 48.10 13.96
C HIS A 23 -5.60 46.92 14.88
N HIS A 24 -5.29 47.19 16.13
CA HIS A 24 -5.03 46.06 17.01
C HIS A 24 -6.16 45.05 16.83
N PHE A 25 -5.80 43.87 16.35
CA PHE A 25 -6.79 42.84 16.12
C PHE A 25 -6.78 41.83 17.24
N GLU A 26 -7.95 41.59 17.82
CA GLU A 26 -8.09 40.65 18.92
C GLU A 26 -9.35 39.80 18.72
N VAL A 27 -9.25 38.52 19.05
CA VAL A 27 -10.38 37.61 18.93
C VAL A 27 -10.73 37.12 20.32
N THR A 28 -11.66 37.84 20.95
CA THR A 28 -12.11 37.58 22.30
C THR A 28 -13.13 36.47 22.34
N PHE A 29 -13.03 35.62 23.36
CA PHE A 29 -13.99 34.53 23.49
C PHE A 29 -14.99 34.79 24.60
N GLN A 30 -16.26 34.82 24.19
CA GLN A 30 -17.37 35.09 25.10
C GLN A 30 -17.34 34.19 26.33
N GLN A 31 -17.90 34.68 27.45
CA GLN A 31 -17.92 33.87 28.65
C GLN A 31 -18.53 32.51 28.32
N SER A 32 -17.71 31.47 28.43
CA SER A 32 -18.09 30.10 28.12
C SER A 32 -19.05 29.41 29.07
N SER A 33 -20.05 28.76 28.48
CA SER A 33 -21.09 28.03 29.22
C SER A 33 -20.46 26.89 30.00
N THR A 34 -19.62 27.23 30.98
CA THR A 34 -18.89 26.26 31.80
C THR A 34 -19.58 24.91 31.93
N ALA A 35 -20.91 24.96 31.95
CA ALA A 35 -21.78 23.81 32.07
C ALA A 35 -21.17 22.58 31.37
N LYS A 36 -21.49 21.40 31.89
CA LYS A 36 -20.92 20.14 31.39
C LYS A 36 -21.28 19.70 29.96
N SER A 37 -22.47 20.02 29.48
CA SER A 37 -22.86 19.64 28.12
C SER A 37 -23.14 20.86 27.26
N ALA A 38 -22.45 21.94 27.59
CA ALA A 38 -22.62 23.22 26.91
C ALA A 38 -22.48 23.12 25.40
N THR A 39 -23.31 23.89 24.71
CA THR A 39 -23.30 23.94 23.25
C THR A 39 -21.82 24.01 22.93
N TRP A 40 -21.18 25.03 23.53
CA TRP A 40 -19.77 25.26 23.38
C TRP A 40 -19.30 25.87 24.66
N THR A 41 -18.03 25.65 24.94
CA THR A 41 -17.38 26.19 26.11
C THR A 41 -15.95 26.29 25.59
N TYR A 42 -15.24 27.34 26.02
CA TYR A 42 -13.87 27.62 25.57
C TYR A 42 -12.75 27.60 26.60
N SER A 43 -11.80 26.69 26.41
CA SER A 43 -10.65 26.60 27.30
C SER A 43 -9.58 27.56 26.81
N PRO A 44 -9.37 28.65 27.56
CA PRO A 44 -8.35 29.64 27.19
C PRO A 44 -7.02 28.96 27.49
N LEU A 45 -7.11 27.99 28.40
CA LEU A 45 -5.98 27.21 28.85
C LEU A 45 -5.36 26.62 27.62
N LEU A 46 -6.09 25.70 26.97
CA LEU A 46 -5.62 25.04 25.77
C LEU A 46 -5.87 25.92 24.55
N LYS A 47 -6.34 27.15 24.80
CA LYS A 47 -6.67 28.15 23.77
C LYS A 47 -7.27 27.50 22.52
N LYS A 48 -8.19 26.58 22.80
CA LYS A 48 -8.90 25.83 21.79
C LYS A 48 -10.31 25.67 22.37
N LEU A 49 -11.33 25.84 21.53
CA LEU A 49 -12.72 25.75 21.98
C LEU A 49 -13.48 24.49 21.58
N TYR A 50 -14.72 24.38 22.03
CA TYR A 50 -15.52 23.21 21.72
C TYR A 50 -17.00 23.52 21.40
N CYS A 51 -17.40 23.66 20.12
CA CYS A 51 -18.85 23.85 19.89
C CYS A 51 -19.34 22.46 19.65
N GLN A 52 -20.62 22.27 19.87
CA GLN A 52 -21.20 20.98 19.60
C GLN A 52 -21.54 21.17 18.13
N ILE A 53 -22.18 20.19 17.50
CA ILE A 53 -22.48 20.27 16.07
C ILE A 53 -23.61 21.20 15.59
N ALA A 54 -23.22 22.26 14.90
CA ALA A 54 -24.13 23.26 14.32
C ALA A 54 -24.87 24.17 15.30
N LYS A 55 -24.65 24.04 16.60
CA LYS A 55 -25.32 24.91 17.58
C LYS A 55 -24.60 26.24 17.54
N THR A 56 -25.34 27.34 17.40
CA THR A 56 -24.73 28.66 17.31
C THR A 56 -23.59 28.95 18.29
N CYS A 57 -22.44 29.25 17.72
CA CYS A 57 -21.21 29.53 18.44
C CYS A 57 -20.72 30.95 18.13
N PRO A 58 -20.82 31.87 19.11
CA PRO A 58 -20.38 33.24 18.85
C PRO A 58 -18.91 33.42 19.15
N ILE A 59 -18.44 34.63 18.88
CA ILE A 59 -17.06 35.02 19.15
C ILE A 59 -16.92 36.54 19.06
N GLN A 60 -16.50 37.15 20.17
CA GLN A 60 -16.32 38.58 20.21
C GLN A 60 -15.07 38.93 19.40
N ILE A 61 -15.06 40.12 18.80
CA ILE A 61 -13.94 40.55 18.00
C ILE A 61 -13.61 42.02 18.24
N LYS A 62 -12.45 42.28 18.84
CA LYS A 62 -12.06 43.66 19.14
C LYS A 62 -10.97 44.22 18.23
N VAL A 63 -10.98 45.54 18.09
CA VAL A 63 -10.00 46.25 17.26
C VAL A 63 -9.75 47.69 17.78
N SER A 64 -8.48 48.07 17.90
CA SER A 64 -8.10 49.39 18.41
C SER A 64 -8.52 50.60 17.57
N THR A 65 -8.68 50.42 16.28
CA THR A 65 -9.11 51.53 15.46
C THR A 65 -10.16 51.09 14.46
N PRO A 66 -10.69 52.03 13.68
CA PRO A 66 -11.71 51.62 12.71
C PRO A 66 -11.06 51.02 11.46
N PRO A 67 -11.52 49.83 11.04
CA PRO A 67 -10.99 49.14 9.86
C PRO A 67 -11.40 49.82 8.56
N PRO A 68 -10.52 49.80 7.56
CA PRO A 68 -10.67 50.38 6.23
C PRO A 68 -11.90 49.89 5.44
N PRO A 69 -12.85 50.81 5.16
CA PRO A 69 -14.08 50.48 4.42
C PRO A 69 -13.97 49.28 3.51
N GLY A 70 -14.95 48.39 3.61
CA GLY A 70 -14.96 47.20 2.79
C GLY A 70 -14.18 46.05 3.38
N THR A 71 -13.55 46.29 4.52
CA THR A 71 -12.79 45.21 5.15
C THR A 71 -13.82 44.19 5.59
N ALA A 72 -13.39 42.95 5.74
CA ALA A 72 -14.28 41.90 6.18
C ALA A 72 -13.52 40.86 7.00
N ILE A 73 -14.23 39.88 7.55
CA ILE A 73 -13.62 38.80 8.33
C ILE A 73 -13.79 37.44 7.63
N ARG A 74 -12.76 36.62 7.71
CA ARG A 74 -12.79 35.32 7.07
C ARG A 74 -12.49 34.20 8.05
N ALA A 75 -13.33 33.17 8.02
CA ALA A 75 -13.13 32.03 8.88
C ALA A 75 -12.83 30.81 8.03
N MET A 76 -11.60 30.30 8.12
CA MET A 76 -11.23 29.12 7.35
C MET A 76 -10.64 28.04 8.25
N PRO A 77 -11.12 26.81 8.10
CA PRO A 77 -10.69 25.65 8.87
C PRO A 77 -9.49 24.97 8.30
N VAL A 78 -8.48 24.76 9.13
CA VAL A 78 -7.26 24.07 8.70
C VAL A 78 -6.72 23.08 9.72
N TYR A 79 -6.33 21.91 9.24
CA TYR A 79 -5.81 20.89 10.12
C TYR A 79 -4.59 21.33 10.93
N LYS A 80 -4.52 20.86 12.17
CA LYS A 80 -3.44 21.20 13.10
C LYS A 80 -2.04 20.73 12.74
N LYS A 81 -1.89 19.47 12.35
CA LYS A 81 -0.55 18.99 12.03
C LYS A 81 -0.27 18.68 10.57
N ALA A 82 0.97 18.97 10.18
CA ALA A 82 1.47 18.78 8.81
C ALA A 82 1.20 17.39 8.28
N GLU A 83 1.25 16.43 9.19
CA GLU A 83 1.03 15.04 8.85
C GLU A 83 -0.26 14.85 8.05
N HIS A 84 -1.19 15.78 8.25
CA HIS A 84 -2.51 15.76 7.61
C HIS A 84 -2.88 17.13 7.01
N VAL A 85 -2.02 18.13 7.19
CA VAL A 85 -2.30 19.51 6.74
C VAL A 85 -2.62 19.84 5.28
N THR A 86 -2.04 19.11 4.35
CA THR A 86 -2.30 19.37 2.95
C THR A 86 -3.77 19.26 2.58
N ASP A 87 -4.54 18.52 3.39
CA ASP A 87 -5.97 18.29 3.11
C ASP A 87 -6.89 19.47 3.42
N VAL A 88 -7.96 19.58 2.66
CA VAL A 88 -8.84 20.73 2.80
C VAL A 88 -10.07 20.78 3.71
N VAL A 89 -10.03 20.18 4.88
CA VAL A 89 -11.18 20.24 5.80
C VAL A 89 -12.52 20.37 5.08
N LYS A 90 -12.86 19.39 4.27
CA LYS A 90 -14.15 19.44 3.59
C LYS A 90 -15.07 18.59 4.46
N ARG A 91 -16.34 19.00 4.52
CA ARG A 91 -17.35 18.30 5.30
C ARG A 91 -17.31 16.82 4.94
N CYS A 92 -17.58 15.94 5.91
CA CYS A 92 -17.58 14.49 5.62
C CYS A 92 -18.71 14.27 4.60
N PRO A 93 -18.42 13.53 3.51
CA PRO A 93 -19.43 13.28 2.49
C PRO A 93 -20.77 12.71 2.98
N ASN A 94 -20.78 12.15 4.18
CA ASN A 94 -22.04 11.66 4.72
C ASN A 94 -22.94 12.91 4.76
N HIS A 95 -22.62 13.84 5.67
CA HIS A 95 -23.36 15.10 5.83
C HIS A 95 -23.50 15.90 4.54
N GLU A 96 -22.38 16.15 3.87
CA GLU A 96 -22.37 16.92 2.63
C GLU A 96 -23.55 16.39 1.83
N LEU A 97 -23.50 15.09 1.56
CA LEU A 97 -24.56 14.44 0.81
C LEU A 97 -25.83 14.32 1.62
N GLY A 98 -25.79 14.88 2.82
CA GLY A 98 -26.93 14.82 3.72
C GLY A 98 -28.20 15.42 3.17
N ARG A 99 -29.34 14.93 3.65
CA ARG A 99 -30.63 15.46 3.25
C ARG A 99 -31.01 16.34 4.42
N ASP A 100 -30.26 16.18 5.50
CA ASP A 100 -30.47 16.96 6.70
C ASP A 100 -29.53 18.11 6.64
N PHE A 101 -29.85 19.21 7.33
CA PHE A 101 -28.99 20.40 7.34
C PHE A 101 -28.40 20.69 5.96
N ASN A 102 -29.11 20.22 4.95
CA ASN A 102 -28.69 20.40 3.58
C ASN A 102 -29.70 21.40 3.06
N GLU A 103 -30.96 21.08 3.31
CA GLU A 103 -32.08 21.90 2.88
C GLU A 103 -32.34 23.05 3.83
N GLY A 104 -32.81 24.17 3.29
CA GLY A 104 -33.06 25.33 4.13
C GLY A 104 -31.76 25.95 4.57
N GLN A 105 -30.83 26.04 3.63
CA GLN A 105 -29.50 26.62 3.87
C GLN A 105 -29.02 27.44 2.68
N SER A 106 -28.46 28.62 2.95
CA SER A 106 -27.94 29.43 1.87
C SER A 106 -26.54 28.89 1.66
N ALA A 107 -26.04 28.27 2.73
CA ALA A 107 -24.70 27.72 2.79
C ALA A 107 -24.61 26.36 2.19
N PRO A 108 -23.50 26.10 1.48
CA PRO A 108 -23.16 24.85 0.79
C PRO A 108 -22.95 23.62 1.73
N ALA A 109 -23.74 22.57 1.51
CA ALA A 109 -23.63 21.36 2.32
C ALA A 109 -22.18 20.97 2.46
N SER A 110 -21.44 21.25 1.41
CA SER A 110 -20.02 20.97 1.36
C SER A 110 -19.25 21.71 2.48
N HIS A 111 -19.55 22.99 2.65
CA HIS A 111 -18.87 23.78 3.66
C HIS A 111 -19.12 23.34 5.10
N LEU A 112 -18.04 23.40 5.90
CA LEU A 112 -18.06 23.06 7.32
C LEU A 112 -18.54 24.22 8.20
N ILE A 113 -17.96 25.40 7.96
CA ILE A 113 -18.29 26.60 8.73
C ILE A 113 -19.24 27.55 8.01
N ARG A 114 -20.21 28.04 8.76
CA ARG A 114 -21.18 28.99 8.23
C ARG A 114 -21.37 30.14 9.22
N VAL A 115 -21.68 31.32 8.70
CA VAL A 115 -21.91 32.49 9.56
C VAL A 115 -23.41 32.54 9.90
N GLU A 116 -23.80 31.98 11.04
CA GLU A 116 -25.21 32.00 11.39
C GLU A 116 -25.72 33.42 11.57
N GLY A 117 -26.64 33.84 10.72
CA GLY A 117 -27.23 35.15 10.91
C GLY A 117 -26.86 36.43 10.17
N ASN A 118 -25.76 36.44 9.45
CA ASN A 118 -25.47 37.66 8.74
C ASN A 118 -26.15 37.55 7.40
N ASN A 119 -27.10 38.43 7.14
CA ASN A 119 -27.81 38.41 5.87
C ASN A 119 -26.83 38.66 4.73
N LEU A 120 -25.56 38.84 5.09
CA LEU A 120 -24.55 39.07 4.07
C LEU A 120 -23.40 38.05 4.08
N SER A 121 -23.64 36.89 4.70
CA SER A 121 -22.64 35.82 4.75
C SER A 121 -22.13 35.48 3.32
N GLN A 122 -20.95 34.90 3.22
CA GLN A 122 -20.41 34.56 1.91
C GLN A 122 -19.45 33.37 1.98
N TYR A 123 -19.70 32.33 1.20
CA TYR A 123 -18.83 31.17 1.21
C TYR A 123 -17.93 31.16 -0.02
N VAL A 124 -16.64 31.00 0.18
CA VAL A 124 -15.73 31.00 -0.96
C VAL A 124 -15.03 29.65 -1.12
N ASP A 125 -14.58 29.37 -2.35
CA ASP A 125 -13.85 28.13 -2.71
C ASP A 125 -12.67 28.50 -3.60
N ASP A 126 -11.52 28.75 -2.99
CA ASP A 126 -10.31 29.14 -3.70
C ASP A 126 -10.04 28.24 -4.91
N PRO A 127 -10.26 28.78 -6.13
CA PRO A 127 -10.06 28.03 -7.37
C PRO A 127 -8.61 27.61 -7.61
N VAL A 128 -7.70 28.16 -6.81
CA VAL A 128 -6.28 27.81 -6.97
C VAL A 128 -5.81 26.80 -5.95
N THR A 129 -6.16 27.03 -4.68
CA THR A 129 -5.76 26.15 -3.59
C THR A 129 -6.78 25.05 -3.36
N GLY A 130 -8.05 25.47 -3.30
CA GLY A 130 -9.14 24.54 -3.03
C GLY A 130 -9.60 24.75 -1.59
N ARG A 131 -9.45 25.99 -1.15
CA ARG A 131 -9.80 26.32 0.21
C ARG A 131 -11.24 26.71 0.41
N GLN A 132 -11.90 25.98 1.28
CA GLN A 132 -13.28 26.30 1.58
C GLN A 132 -13.31 27.17 2.82
N SER A 133 -13.94 28.34 2.74
CA SER A 133 -14.05 29.21 3.91
C SER A 133 -15.30 30.06 3.87
N VAL A 134 -15.42 31.00 4.80
CA VAL A 134 -16.60 31.84 4.84
C VAL A 134 -16.28 33.28 5.26
N VAL A 135 -16.49 34.19 4.31
CA VAL A 135 -16.24 35.61 4.49
C VAL A 135 -17.50 36.41 4.77
N VAL A 136 -17.35 37.38 5.65
CA VAL A 136 -18.45 38.22 6.04
C VAL A 136 -17.87 39.62 6.20
N PRO A 137 -18.57 40.63 5.69
CA PRO A 137 -18.15 42.03 5.76
C PRO A 137 -18.00 42.52 7.19
N TYR A 138 -16.99 43.34 7.46
CA TYR A 138 -16.82 43.82 8.81
C TYR A 138 -17.93 44.78 9.10
N GLU A 139 -18.36 44.78 10.36
CA GLU A 139 -19.39 45.69 10.79
C GLU A 139 -18.98 46.14 12.19
N PRO A 140 -18.97 47.45 12.40
CA PRO A 140 -18.47 48.09 13.63
C PRO A 140 -19.21 47.73 14.92
N PRO A 141 -18.46 47.68 16.03
CA PRO A 141 -19.01 47.27 17.32
C PRO A 141 -20.04 48.38 17.52
N GLN A 142 -20.98 48.28 18.44
CA GLN A 142 -21.97 49.36 18.47
C GLN A 142 -22.40 50.07 19.76
N VAL A 143 -23.40 49.54 20.43
CA VAL A 143 -23.89 50.18 21.64
C VAL A 143 -23.14 49.73 22.88
N GLY A 144 -22.57 50.71 23.58
CA GLY A 144 -21.82 50.44 24.79
C GLY A 144 -20.99 49.16 24.72
N THR A 145 -20.49 48.83 23.53
CA THR A 145 -19.68 47.63 23.32
C THR A 145 -18.46 47.88 22.40
N GLU A 146 -17.37 47.18 22.68
CA GLU A 146 -16.15 47.30 21.87
C GLU A 146 -15.87 45.98 21.18
N PHE A 147 -16.84 45.09 21.24
CA PHE A 147 -16.71 43.80 20.57
C PHE A 147 -17.68 43.76 19.40
N THR A 148 -17.22 43.19 18.29
CA THR A 148 -18.06 42.98 17.12
C THR A 148 -18.31 41.50 17.31
N THR A 149 -19.55 41.07 17.16
CA THR A 149 -19.84 39.68 17.38
C THR A 149 -20.38 38.93 16.18
N ILE A 150 -19.71 37.83 15.86
CA ILE A 150 -20.14 36.98 14.78
C ILE A 150 -20.41 35.61 15.42
N LEU A 151 -21.47 34.96 14.94
CA LEU A 151 -21.91 33.66 15.43
C LEU A 151 -21.68 32.63 14.33
N TYR A 152 -20.77 31.68 14.57
CA TYR A 152 -20.43 30.64 13.60
C TYR A 152 -21.14 29.31 13.87
N ASN A 153 -21.01 28.37 12.93
CA ASN A 153 -21.60 27.03 13.05
C ASN A 153 -20.64 26.02 12.48
N PHE A 154 -20.59 24.83 13.07
CA PHE A 154 -19.68 23.80 12.58
C PHE A 154 -20.39 22.50 12.21
N MET A 155 -20.45 22.26 10.91
CA MET A 155 -21.17 21.15 10.32
C MET A 155 -20.64 19.72 10.29
N CYS A 156 -19.82 19.34 11.26
CA CYS A 156 -19.28 17.98 11.32
C CYS A 156 -18.41 17.94 12.56
N ASN A 157 -18.62 16.97 13.45
CA ASN A 157 -17.75 16.90 14.62
C ASN A 157 -16.53 16.08 14.24
N SER A 158 -15.41 16.40 14.87
CA SER A 158 -14.17 15.70 14.58
C SER A 158 -14.31 14.18 14.37
N SER A 159 -15.21 13.55 15.12
CA SER A 159 -15.42 12.12 15.00
C SER A 159 -15.94 11.70 13.64
N CYS A 160 -16.49 12.61 12.85
CA CYS A 160 -17.01 12.29 11.52
C CYS A 160 -15.91 11.60 10.74
N VAL A 161 -16.29 10.63 9.91
CA VAL A 161 -15.32 9.86 9.13
C VAL A 161 -14.89 10.46 7.79
N GLY A 162 -15.84 10.57 6.86
CA GLY A 162 -15.50 11.12 5.56
C GLY A 162 -14.74 12.43 5.58
N GLY A 163 -14.76 13.11 6.73
CA GLY A 163 -14.08 14.40 6.85
C GLY A 163 -12.86 14.59 7.75
N MET A 164 -13.03 14.54 9.06
CA MET A 164 -11.93 14.76 9.97
C MET A 164 -11.37 13.52 10.63
N ASN A 165 -12.10 12.42 10.57
CA ASN A 165 -11.62 11.19 11.20
C ASN A 165 -10.76 11.40 12.44
N ARG A 166 -11.34 12.00 13.48
CA ARG A 166 -10.65 12.24 14.75
C ARG A 166 -9.45 13.22 14.68
N ARG A 167 -8.96 13.55 13.49
CA ARG A 167 -7.82 14.48 13.38
C ARG A 167 -8.25 15.89 13.81
N PRO A 168 -7.43 16.58 14.62
CA PRO A 168 -7.78 17.93 15.09
C PRO A 168 -7.41 18.99 14.09
N ILE A 169 -7.98 20.18 14.28
CA ILE A 169 -7.75 21.29 13.38
C ILE A 169 -7.68 22.66 14.08
N LEU A 170 -7.18 23.68 13.39
CA LEU A 170 -7.11 25.05 13.92
C LEU A 170 -7.98 25.94 13.04
N ILE A 171 -8.62 26.93 13.67
CA ILE A 171 -9.46 27.86 12.93
C ILE A 171 -8.69 29.13 12.72
N ILE A 172 -8.89 29.75 11.57
CA ILE A 172 -8.19 30.97 11.28
C ILE A 172 -9.18 32.08 10.94
N ILE A 173 -9.37 32.95 11.92
CA ILE A 173 -10.20 34.12 11.78
C ILE A 173 -9.25 35.12 11.16
N THR A 174 -9.39 35.34 9.87
CA THR A 174 -8.51 36.26 9.20
C THR A 174 -9.26 37.58 9.16
N LEU A 175 -8.50 38.67 9.08
CA LEU A 175 -9.05 40.02 8.99
C LEU A 175 -8.48 40.55 7.68
N GLU A 176 -9.33 41.00 6.76
CA GLU A 176 -8.77 41.45 5.49
C GLU A 176 -9.43 42.53 4.66
N MET A 177 -8.60 43.10 3.79
CA MET A 177 -8.98 44.13 2.86
C MET A 177 -9.90 43.42 1.88
N ARG A 178 -10.77 44.20 1.22
CA ARG A 178 -11.70 43.62 0.26
C ARG A 178 -10.90 42.91 -0.83
N ASP A 179 -9.81 43.55 -1.27
CA ASP A 179 -8.96 42.98 -2.30
C ASP A 179 -8.39 41.71 -1.70
N GLY A 180 -8.55 41.59 -0.39
CA GLY A 180 -8.07 40.41 0.29
C GLY A 180 -6.93 40.59 1.26
N GLN A 181 -5.95 41.44 0.92
CA GLN A 181 -4.79 41.66 1.77
C GLN A 181 -5.13 41.61 3.25
N VAL A 182 -4.39 40.79 3.99
CA VAL A 182 -4.65 40.63 5.43
C VAL A 182 -4.16 41.78 6.30
N LEU A 183 -4.97 42.11 7.30
CA LEU A 183 -4.66 43.17 8.23
C LEU A 183 -4.44 42.51 9.58
N GLY A 184 -4.64 41.20 9.60
CA GLY A 184 -4.46 40.43 10.83
C GLY A 184 -5.08 39.05 10.82
N ARG A 185 -4.77 38.27 11.85
CA ARG A 185 -5.33 36.94 11.95
C ARG A 185 -5.13 36.36 13.35
N ARG A 186 -6.01 35.44 13.74
CA ARG A 186 -5.91 34.82 15.03
C ARG A 186 -6.45 33.44 14.78
N SER A 187 -5.94 32.46 15.51
CA SER A 187 -6.38 31.09 15.32
C SER A 187 -6.57 30.35 16.63
N PHE A 188 -6.87 29.06 16.53
CA PHE A 188 -7.07 28.18 17.70
C PHE A 188 -7.52 26.75 17.31
N GLU A 189 -7.23 25.77 18.17
CA GLU A 189 -7.62 24.38 17.88
C GLU A 189 -9.09 24.25 18.19
N GLY A 190 -9.82 23.59 17.31
CA GLY A 190 -11.24 23.41 17.53
C GLY A 190 -11.56 21.94 17.50
N ARG A 191 -12.56 21.53 18.26
CA ARG A 191 -12.97 20.15 18.30
C ARG A 191 -14.48 20.10 18.32
N ILE A 192 -15.09 19.76 17.20
CA ILE A 192 -16.55 19.70 17.23
C ILE A 192 -16.84 18.38 17.94
N CYS A 193 -17.38 18.53 19.14
CA CYS A 193 -17.68 17.39 19.97
C CYS A 193 -19.14 17.38 20.34
N ALA A 194 -19.46 16.41 21.17
CA ALA A 194 -20.72 16.29 21.86
C ALA A 194 -20.20 16.15 23.27
N CYS A 195 -20.65 17.00 24.17
CA CYS A 195 -20.08 16.96 25.51
C CYS A 195 -18.79 17.81 25.72
N PRO A 196 -18.72 19.04 25.15
CA PRO A 196 -17.53 19.89 25.32
C PRO A 196 -17.06 20.09 26.76
N GLY A 197 -18.00 20.37 27.66
CA GLY A 197 -17.62 20.55 29.05
C GLY A 197 -16.74 19.40 29.49
N ARG A 198 -17.20 18.19 29.20
CA ARG A 198 -16.49 16.96 29.52
C ARG A 198 -15.18 16.95 28.76
N ASP A 199 -15.31 16.83 27.44
CA ASP A 199 -14.18 16.83 26.54
C ASP A 199 -13.11 17.81 27.03
N ARG A 200 -13.49 19.08 27.19
CA ARG A 200 -12.57 20.14 27.63
C ARG A 200 -11.78 19.78 28.90
N LYS A 201 -12.47 19.60 30.03
CA LYS A 201 -11.77 19.26 31.27
C LYS A 201 -10.84 18.10 30.98
N ALA A 202 -11.41 17.04 30.44
CA ALA A 202 -10.63 15.87 30.11
C ALA A 202 -9.30 16.21 29.46
N ASP A 203 -9.33 17.13 28.50
CA ASP A 203 -8.10 17.53 27.82
C ASP A 203 -7.16 18.27 28.77
N GLU A 204 -7.73 19.19 29.55
CA GLU A 204 -6.94 19.94 30.53
C GLU A 204 -6.31 18.99 31.56
N ASP A 205 -7.07 17.97 31.94
CA ASP A 205 -6.64 16.97 32.91
C ASP A 205 -5.62 15.95 32.40
N HIS A 206 -5.76 15.47 31.16
CA HIS A 206 -4.81 14.51 30.60
C HIS A 206 -3.56 15.32 30.26
N TYR A 207 -3.43 16.47 30.91
CA TYR A 207 -2.31 17.34 30.66
C TYR A 207 -1.83 18.14 31.88
N ARG A 208 -2.74 18.55 32.74
CA ARG A 208 -2.39 19.33 33.95
C ARG A 208 -1.39 18.63 34.86
N GLU A 209 -1.21 17.33 34.70
CA GLU A 209 -0.27 16.59 35.50
C GLU A 209 1.11 16.71 34.82
N GLN A 210 1.25 16.12 33.63
CA GLN A 210 2.50 16.20 32.88
C GLN A 210 2.27 16.55 31.41
N HIS B 10 -39.48 1.37 -1.10
CA HIS B 10 -40.36 1.54 -2.29
C HIS B 10 -41.13 0.28 -2.68
N GLU B 11 -40.76 -0.86 -2.10
CA GLU B 11 -41.43 -2.13 -2.42
C GLU B 11 -41.76 -3.07 -1.26
N PHE B 12 -42.40 -4.18 -1.61
CA PHE B 12 -42.77 -5.19 -0.64
C PHE B 12 -41.52 -5.90 -0.21
N ILE B 13 -41.58 -6.52 0.97
CA ILE B 13 -40.44 -7.22 1.52
C ILE B 13 -40.03 -8.52 0.81
N PRO B 14 -39.04 -9.24 1.37
CA PRO B 14 -38.62 -10.47 0.74
C PRO B 14 -39.03 -11.63 1.62
N SER B 15 -38.82 -12.83 1.08
CA SER B 15 -39.12 -14.10 1.74
C SER B 15 -38.27 -14.26 3.01
N ASN B 16 -38.94 -14.10 4.16
CA ASN B 16 -38.36 -14.11 5.53
C ASN B 16 -38.16 -15.39 6.36
N THR B 17 -38.95 -16.42 6.07
CA THR B 17 -38.92 -17.68 6.80
C THR B 17 -37.71 -18.53 6.51
N ASP B 18 -37.65 -19.68 7.17
CA ASP B 18 -36.56 -20.63 7.00
C ASP B 18 -37.15 -21.82 6.25
N TYR B 19 -36.55 -22.11 5.10
CA TYR B 19 -36.98 -23.20 4.24
C TYR B 19 -35.87 -24.26 4.08
N PRO B 20 -36.08 -25.46 4.66
CA PRO B 20 -35.11 -26.56 4.60
C PRO B 20 -34.94 -27.00 3.17
N GLY B 21 -36.07 -27.19 2.49
CA GLY B 21 -36.06 -27.58 1.09
C GLY B 21 -35.88 -29.05 0.75
N PRO B 22 -36.28 -29.45 -0.48
CA PRO B 22 -36.17 -30.84 -0.95
C PRO B 22 -34.90 -31.44 -0.44
N HIS B 23 -33.78 -30.89 -0.87
CA HIS B 23 -32.51 -31.37 -0.39
C HIS B 23 -32.46 -30.67 0.97
N HIS B 24 -32.31 -31.41 2.05
CA HIS B 24 -32.28 -30.77 3.38
C HIS B 24 -31.08 -29.82 3.50
N PHE B 25 -31.26 -28.64 2.90
CA PHE B 25 -30.28 -27.56 2.84
C PHE B 25 -29.97 -27.00 4.22
N GLU B 26 -28.93 -27.56 4.83
CA GLU B 26 -28.49 -27.17 6.16
C GLU B 26 -27.42 -26.09 6.13
N VAL B 27 -27.72 -24.91 6.69
CA VAL B 27 -26.76 -23.80 6.78
C VAL B 27 -26.15 -23.82 8.18
N THR B 28 -24.83 -23.76 8.25
CA THR B 28 -24.15 -23.81 9.54
C THR B 28 -22.80 -23.12 9.56
N PHE B 29 -22.23 -22.99 10.75
CA PHE B 29 -20.94 -22.32 10.95
C PHE B 29 -19.73 -23.17 11.35
N GLN B 30 -18.58 -22.54 11.43
CA GLN B 30 -17.34 -23.20 11.84
C GLN B 30 -17.40 -23.26 13.36
N GLN B 31 -17.52 -24.47 13.90
CA GLN B 31 -17.59 -24.61 15.35
C GLN B 31 -16.31 -24.02 15.93
N SER B 32 -16.40 -23.48 17.14
CA SER B 32 -15.25 -22.85 17.75
C SER B 32 -14.63 -23.45 19.01
N SER B 33 -13.30 -23.43 19.01
CA SER B 33 -12.45 -23.67 20.17
C SER B 33 -12.60 -22.33 20.86
N THR B 34 -12.27 -22.21 22.14
CA THR B 34 -12.61 -20.92 22.75
C THR B 34 -11.82 -19.68 22.23
N ALA B 35 -12.46 -18.93 21.33
CA ALA B 35 -11.88 -17.71 20.74
C ALA B 35 -12.54 -16.46 21.32
N LYS B 36 -11.73 -15.47 21.65
CA LYS B 36 -12.23 -14.23 22.26
C LYS B 36 -12.44 -13.07 21.26
N SER B 37 -11.58 -12.96 20.24
CA SER B 37 -11.73 -11.87 19.26
C SER B 37 -11.21 -12.11 17.82
N ALA B 38 -11.40 -13.33 17.28
CA ALA B 38 -10.96 -13.62 15.91
C ALA B 38 -11.75 -12.65 15.03
N THR B 39 -11.55 -12.73 13.72
CA THR B 39 -12.26 -11.81 12.86
C THR B 39 -13.77 -11.96 12.98
N TRP B 40 -14.24 -13.15 13.35
CA TRP B 40 -15.68 -13.44 13.44
C TRP B 40 -16.04 -14.53 14.41
N THR B 41 -17.35 -14.72 14.60
CA THR B 41 -17.89 -15.77 15.45
C THR B 41 -19.41 -15.81 15.42
N TYR B 42 -19.97 -17.00 15.49
CA TYR B 42 -21.41 -17.19 15.47
C TYR B 42 -21.93 -17.63 16.83
N SER B 43 -23.06 -17.05 17.27
CA SER B 43 -23.62 -17.46 18.56
C SER B 43 -24.89 -18.22 18.38
N PRO B 44 -24.80 -19.54 18.50
CA PRO B 44 -25.91 -20.48 18.36
C PRO B 44 -27.06 -20.11 19.28
N LEU B 45 -26.73 -19.60 20.46
CA LEU B 45 -27.78 -19.25 21.41
C LEU B 45 -28.64 -18.15 20.80
N LEU B 46 -28.01 -17.20 20.13
CA LEU B 46 -28.71 -16.07 19.53
C LEU B 46 -28.90 -16.12 18.01
N LYS B 47 -28.65 -17.27 17.41
CA LYS B 47 -28.82 -17.36 15.97
C LYS B 47 -28.27 -16.18 15.18
N LYS B 48 -27.17 -15.61 15.64
CA LYS B 48 -26.57 -14.51 14.90
C LYS B 48 -25.04 -14.50 14.90
N LEU B 49 -24.50 -13.99 13.81
CA LEU B 49 -23.09 -13.94 13.59
C LEU B 49 -22.53 -12.57 13.80
N TYR B 50 -21.22 -12.52 14.00
CA TYR B 50 -20.55 -11.25 14.20
C TYR B 50 -19.22 -11.28 13.44
N CYS B 51 -19.21 -10.78 12.20
CA CYS B 51 -17.97 -10.72 11.46
C CYS B 51 -17.47 -9.32 11.68
N GLN B 52 -16.17 -9.14 11.63
CA GLN B 52 -15.63 -7.82 11.79
C GLN B 52 -15.86 -7.22 10.42
N ILE B 53 -15.95 -5.89 10.35
CA ILE B 53 -16.18 -5.23 9.06
C ILE B 53 -15.12 -5.55 8.01
N ALA B 54 -15.57 -5.78 6.79
CA ALA B 54 -14.69 -6.08 5.68
C ALA B 54 -13.89 -7.35 5.86
N LYS B 55 -14.23 -8.15 6.86
CA LYS B 55 -13.45 -9.35 7.06
C LYS B 55 -13.93 -10.62 6.39
N THR B 56 -13.05 -11.60 6.43
CA THR B 56 -13.30 -12.91 5.87
C THR B 56 -14.33 -13.55 6.77
N CYS B 57 -15.32 -14.21 6.18
CA CYS B 57 -16.36 -14.84 6.97
C CYS B 57 -16.86 -16.05 6.21
N PRO B 58 -16.62 -17.24 6.78
CA PRO B 58 -17.03 -18.49 6.17
C PRO B 58 -18.42 -19.01 6.51
N ILE B 59 -19.18 -19.36 5.47
CA ILE B 59 -20.50 -19.93 5.69
C ILE B 59 -20.44 -21.35 5.18
N GLN B 60 -20.72 -22.30 6.07
CA GLN B 60 -20.71 -23.73 5.74
C GLN B 60 -22.09 -24.18 5.28
N ILE B 61 -22.11 -25.07 4.30
CA ILE B 61 -23.37 -25.58 3.74
C ILE B 61 -23.47 -27.09 3.67
N LYS B 62 -24.68 -27.62 3.64
CA LYS B 62 -24.88 -29.05 3.49
C LYS B 62 -26.17 -29.17 2.71
N VAL B 63 -26.45 -30.37 2.23
CA VAL B 63 -27.65 -30.62 1.46
C VAL B 63 -27.95 -32.07 1.78
N SER B 64 -28.85 -32.67 1.02
CA SER B 64 -29.20 -34.08 1.21
C SER B 64 -29.00 -34.75 -0.15
N THR B 65 -29.95 -34.53 -1.05
CA THR B 65 -29.85 -35.06 -2.40
C THR B 65 -29.07 -33.94 -3.12
N PRO B 66 -28.54 -34.21 -4.34
CA PRO B 66 -27.80 -33.15 -5.04
C PRO B 66 -28.71 -32.23 -5.81
N PRO B 67 -28.36 -30.94 -5.88
CA PRO B 67 -29.16 -29.95 -6.59
C PRO B 67 -28.90 -29.85 -8.08
N PRO B 68 -29.96 -29.65 -8.87
CA PRO B 68 -29.87 -29.51 -10.32
C PRO B 68 -28.66 -28.64 -10.74
N PRO B 69 -28.45 -28.45 -12.05
CA PRO B 69 -27.30 -27.64 -12.51
C PRO B 69 -27.37 -26.14 -12.22
N GLY B 70 -28.36 -25.45 -12.83
CA GLY B 70 -28.49 -24.02 -12.64
C GLY B 70 -28.58 -23.52 -11.20
N THR B 71 -28.41 -24.42 -10.24
CA THR B 71 -28.47 -24.04 -8.83
C THR B 71 -27.43 -23.02 -8.40
N ALA B 72 -27.92 -21.95 -7.79
CA ALA B 72 -27.09 -20.88 -7.29
C ALA B 72 -27.46 -20.66 -5.83
N ILE B 73 -26.62 -19.92 -5.11
CA ILE B 73 -26.88 -19.62 -3.72
C ILE B 73 -26.85 -18.11 -3.64
N ARG B 74 -27.88 -17.54 -3.02
CA ARG B 74 -28.02 -16.09 -2.92
C ARG B 74 -28.00 -15.54 -1.50
N ALA B 75 -27.03 -14.67 -1.22
CA ALA B 75 -26.92 -14.09 0.10
C ALA B 75 -27.53 -12.69 0.11
N MET B 76 -28.58 -12.49 0.90
CA MET B 76 -29.23 -11.17 0.97
C MET B 76 -29.49 -10.63 2.37
N PRO B 77 -29.19 -9.34 2.59
CA PRO B 77 -29.38 -8.69 3.89
C PRO B 77 -30.76 -8.03 4.00
N VAL B 78 -31.28 -7.96 5.23
CA VAL B 78 -32.59 -7.35 5.52
C VAL B 78 -32.59 -6.75 6.92
N TYR B 79 -33.38 -5.71 7.13
CA TYR B 79 -33.47 -5.13 8.46
C TYR B 79 -34.44 -5.97 9.25
N LYS B 80 -34.11 -6.26 10.50
CA LYS B 80 -34.97 -7.08 11.33
C LYS B 80 -36.07 -6.22 11.93
N LYS B 81 -35.70 -5.02 12.35
CA LYS B 81 -36.65 -4.10 12.97
C LYS B 81 -37.84 -3.80 12.06
N ALA B 82 -39.00 -4.34 12.42
CA ALA B 82 -40.24 -4.16 11.67
C ALA B 82 -40.39 -2.82 10.93
N GLU B 83 -40.38 -1.72 11.68
CA GLU B 83 -40.50 -0.40 11.08
C GLU B 83 -39.61 -0.25 9.85
N HIS B 84 -38.30 -0.46 10.02
CA HIS B 84 -37.31 -0.33 8.95
C HIS B 84 -37.36 -1.35 7.81
N VAL B 85 -37.86 -2.56 8.09
CA VAL B 85 -37.88 -3.68 7.14
C VAL B 85 -37.94 -3.48 5.62
N THR B 86 -38.85 -2.64 5.15
CA THR B 86 -38.96 -2.42 3.72
C THR B 86 -37.60 -1.98 3.23
N ASP B 87 -37.08 -0.94 3.86
CA ASP B 87 -35.80 -0.35 3.52
C ASP B 87 -34.70 -1.20 2.89
N VAL B 88 -34.00 -0.59 1.94
CA VAL B 88 -32.89 -1.19 1.20
C VAL B 88 -31.62 -1.33 2.04
N VAL B 89 -31.12 -2.56 2.14
CA VAL B 89 -29.92 -2.79 2.91
C VAL B 89 -28.74 -2.30 2.09
N LYS B 90 -28.49 -1.00 2.13
CA LYS B 90 -27.38 -0.49 1.34
C LYS B 90 -26.13 -0.20 2.14
N ARG B 91 -25.05 0.10 1.42
CA ARG B 91 -23.77 0.40 2.03
C ARG B 91 -23.79 1.85 2.52
N CYS B 92 -23.08 2.12 3.61
CA CYS B 92 -23.04 3.49 4.13
C CYS B 92 -22.42 4.44 3.08
N PRO B 93 -22.99 5.65 2.94
CA PRO B 93 -22.50 6.64 1.98
C PRO B 93 -21.00 6.78 2.03
N ASN B 94 -20.52 7.14 3.20
CA ASN B 94 -19.11 7.30 3.40
C ASN B 94 -18.38 6.12 2.76
N HIS B 95 -18.59 4.92 3.32
CA HIS B 95 -17.94 3.72 2.81
C HIS B 95 -18.05 3.47 1.31
N GLU B 96 -19.27 3.54 0.81
CA GLU B 96 -19.49 3.30 -0.59
C GLU B 96 -18.36 3.93 -1.40
N LEU B 97 -18.30 5.26 -1.28
CA LEU B 97 -17.35 6.07 -2.01
C LEU B 97 -16.28 6.71 -1.16
N GLY B 98 -15.40 5.91 -0.59
CA GLY B 98 -14.36 6.50 0.24
C GLY B 98 -12.96 6.22 -0.24
N ARG B 99 -11.98 6.78 0.46
CA ARG B 99 -10.59 6.55 0.14
C ARG B 99 -10.59 5.03 0.17
N ASP B 100 -11.39 4.55 1.12
CA ASP B 100 -11.63 3.14 1.41
C ASP B 100 -12.08 2.37 0.15
N PHE B 101 -11.62 1.13 0.08
CA PHE B 101 -11.53 0.32 -1.12
C PHE B 101 -12.74 0.09 -2.02
N ASN B 102 -12.45 0.14 -3.33
CA ASN B 102 -13.34 -0.07 -4.44
C ASN B 102 -12.48 -0.66 -5.53
N GLU B 103 -11.43 0.06 -5.93
CA GLU B 103 -10.56 -0.43 -7.01
C GLU B 103 -10.21 -1.92 -6.85
N GLY B 104 -9.74 -2.30 -5.67
CA GLY B 104 -9.40 -3.68 -5.44
C GLY B 104 -10.62 -4.59 -5.55
N GLN B 105 -11.78 -3.99 -5.55
CA GLN B 105 -13.03 -4.71 -5.64
C GLN B 105 -13.84 -4.29 -6.83
N SER B 106 -13.60 -4.93 -7.97
CA SER B 106 -14.36 -4.62 -9.17
C SER B 106 -15.84 -4.77 -8.79
N ALA B 107 -16.07 -5.44 -7.66
CA ALA B 107 -17.41 -5.68 -7.12
C ALA B 107 -18.08 -4.34 -6.87
N PRO B 108 -19.39 -4.28 -7.04
CA PRO B 108 -20.08 -3.01 -6.81
C PRO B 108 -19.65 -2.31 -5.52
N ALA B 109 -19.52 -0.98 -5.58
CA ALA B 109 -19.11 -0.19 -4.43
C ALA B 109 -20.31 0.36 -3.65
N SER B 110 -21.42 -0.36 -3.65
CA SER B 110 -22.61 0.09 -2.95
C SER B 110 -23.37 -1.07 -2.33
N HIS B 111 -23.08 -2.28 -2.80
CA HIS B 111 -23.71 -3.51 -2.31
C HIS B 111 -22.96 -3.95 -1.04
N LEU B 112 -23.68 -4.19 0.05
CA LEU B 112 -23.08 -4.58 1.33
C LEU B 112 -22.42 -5.94 1.43
N ILE B 113 -23.04 -6.97 0.89
CA ILE B 113 -22.45 -8.30 0.97
C ILE B 113 -21.60 -8.63 -0.26
N ARG B 114 -20.31 -8.83 -0.04
CA ARG B 114 -19.39 -9.13 -1.14
C ARG B 114 -18.86 -10.55 -1.01
N VAL B 115 -18.41 -11.13 -2.13
CA VAL B 115 -17.86 -12.48 -2.10
C VAL B 115 -16.39 -12.46 -2.44
N GLU B 116 -15.58 -12.41 -1.40
CA GLU B 116 -14.13 -12.43 -1.52
C GLU B 116 -13.80 -13.87 -1.91
N GLY B 117 -13.38 -14.09 -3.14
CA GLY B 117 -13.07 -15.44 -3.55
C GLY B 117 -13.50 -15.83 -4.96
N ASN B 118 -14.62 -16.55 -5.06
CA ASN B 118 -15.14 -16.99 -6.36
C ASN B 118 -15.23 -15.87 -7.36
N ASN B 119 -14.36 -15.88 -8.37
CA ASN B 119 -14.36 -14.83 -9.38
C ASN B 119 -15.41 -14.99 -10.46
N LEU B 120 -16.58 -15.48 -10.06
CA LEU B 120 -17.70 -15.67 -10.96
C LEU B 120 -18.96 -15.14 -10.26
N SER B 121 -18.83 -14.85 -8.97
CA SER B 121 -19.93 -14.32 -8.16
C SER B 121 -20.54 -13.05 -8.76
N GLN B 122 -21.87 -13.04 -8.91
CA GLN B 122 -22.60 -11.90 -9.48
C GLN B 122 -23.34 -11.09 -8.43
N TYR B 123 -23.16 -9.77 -8.42
CA TYR B 123 -23.86 -8.94 -7.45
C TYR B 123 -25.01 -8.26 -8.17
N VAL B 124 -26.25 -8.61 -7.84
CA VAL B 124 -27.38 -7.99 -8.50
C VAL B 124 -28.26 -7.05 -7.68
N ASP B 125 -28.89 -6.14 -8.41
CA ASP B 125 -29.77 -5.12 -7.88
C ASP B 125 -31.08 -5.22 -8.60
N ASP B 126 -32.14 -5.62 -7.91
CA ASP B 126 -33.45 -5.74 -8.52
C ASP B 126 -33.80 -4.37 -9.09
N PRO B 127 -34.32 -4.35 -10.32
CA PRO B 127 -34.70 -3.08 -10.97
C PRO B 127 -36.12 -2.76 -10.53
N VAL B 128 -36.73 -3.76 -9.92
CA VAL B 128 -38.09 -3.68 -9.42
C VAL B 128 -38.11 -3.42 -7.91
N THR B 129 -37.38 -4.23 -7.12
CA THR B 129 -37.34 -4.05 -5.66
C THR B 129 -36.18 -3.16 -5.22
N GLY B 130 -34.99 -3.44 -5.74
CA GLY B 130 -33.82 -2.65 -5.36
C GLY B 130 -32.80 -3.55 -4.68
N ARG B 131 -33.31 -4.46 -3.87
CA ARG B 131 -32.51 -5.43 -3.14
C ARG B 131 -31.18 -5.86 -3.74
N GLN B 132 -30.07 -5.31 -3.28
CA GLN B 132 -28.79 -5.75 -3.79
C GLN B 132 -28.61 -7.10 -3.11
N SER B 133 -27.91 -8.03 -3.76
CA SER B 133 -27.68 -9.35 -3.15
C SER B 133 -26.53 -10.00 -3.90
N VAL B 134 -25.82 -10.95 -3.29
CA VAL B 134 -24.73 -11.60 -4.03
C VAL B 134 -25.02 -13.09 -4.28
N VAL B 135 -24.82 -13.48 -5.55
CA VAL B 135 -25.10 -14.83 -6.04
C VAL B 135 -23.89 -15.56 -6.62
N VAL B 136 -23.88 -16.88 -6.46
CA VAL B 136 -22.85 -17.76 -7.00
C VAL B 136 -23.48 -19.14 -7.06
N PRO B 137 -23.28 -19.90 -8.17
CA PRO B 137 -23.82 -21.24 -8.41
C PRO B 137 -23.31 -22.30 -7.43
N TYR B 138 -24.10 -23.34 -7.21
CA TYR B 138 -23.70 -24.38 -6.26
C TYR B 138 -22.35 -24.98 -6.58
N GLU B 139 -21.53 -25.11 -5.55
CA GLU B 139 -20.21 -25.68 -5.70
C GLU B 139 -20.15 -26.94 -4.84
N PRO B 140 -20.41 -28.11 -5.45
CA PRO B 140 -20.38 -29.40 -4.73
C PRO B 140 -19.17 -29.50 -3.82
N PRO B 141 -19.42 -29.70 -2.52
CA PRO B 141 -18.41 -29.87 -1.46
C PRO B 141 -16.97 -29.54 -1.82
N GLN B 142 -16.03 -30.43 -1.47
CA GLN B 142 -14.64 -30.27 -1.90
C GLN B 142 -14.51 -31.59 -2.65
N VAL B 143 -15.68 -32.16 -2.88
CA VAL B 143 -15.86 -33.46 -3.50
C VAL B 143 -15.36 -34.36 -2.39
N GLY B 144 -14.83 -33.69 -1.36
CA GLY B 144 -14.35 -34.32 -0.14
C GLY B 144 -15.57 -34.20 0.76
N THR B 145 -15.38 -34.05 2.06
CA THR B 145 -16.57 -33.99 2.91
C THR B 145 -17.03 -32.59 3.28
N GLU B 146 -16.10 -31.64 3.44
CA GLU B 146 -16.38 -30.24 3.85
C GLU B 146 -17.68 -29.49 3.48
N PHE B 147 -18.58 -30.13 2.71
CA PHE B 147 -19.87 -29.54 2.33
C PHE B 147 -19.91 -28.07 1.84
N THR B 148 -19.09 -27.79 0.83
CA THR B 148 -19.03 -26.49 0.15
C THR B 148 -19.10 -25.15 0.89
N THR B 149 -18.18 -24.87 1.82
CA THR B 149 -18.25 -23.58 2.50
C THR B 149 -17.86 -22.44 1.56
N ILE B 150 -18.39 -21.25 1.84
CA ILE B 150 -18.14 -20.04 1.04
C ILE B 150 -17.49 -18.95 1.89
N LEU B 151 -17.10 -17.87 1.21
CA LEU B 151 -16.45 -16.75 1.86
C LEU B 151 -17.25 -15.48 1.66
N TYR B 152 -17.64 -14.83 2.76
CA TYR B 152 -18.40 -13.59 2.71
C TYR B 152 -17.60 -12.44 3.29
N ASN B 153 -17.78 -11.27 2.69
CA ASN B 153 -17.08 -10.08 3.14
C ASN B 153 -18.11 -9.04 3.45
N PHE B 154 -17.89 -8.30 4.53
CA PHE B 154 -18.85 -7.29 4.93
C PHE B 154 -18.37 -5.85 4.93
N MET B 155 -18.53 -5.22 3.79
CA MET B 155 -18.13 -3.84 3.58
C MET B 155 -18.40 -2.90 4.77
N CYS B 156 -19.64 -2.80 5.22
CA CYS B 156 -19.99 -1.85 6.30
C CYS B 156 -20.41 -2.41 7.66
N ASN B 157 -20.01 -1.73 8.73
CA ASN B 157 -20.38 -2.14 10.08
C ASN B 157 -21.87 -1.91 10.24
N SER B 158 -22.45 -2.51 11.28
CA SER B 158 -23.87 -2.28 11.55
C SER B 158 -23.93 -0.91 12.18
N SER B 159 -22.78 -0.46 12.71
CA SER B 159 -22.70 0.87 13.32
C SER B 159 -22.58 1.98 12.27
N CYS B 160 -21.73 1.78 11.25
CA CYS B 160 -21.52 2.79 10.21
C CYS B 160 -22.86 3.42 9.86
N VAL B 161 -22.86 4.74 9.82
CA VAL B 161 -24.07 5.50 9.57
C VAL B 161 -24.35 5.86 8.13
N GLY B 162 -25.53 6.40 7.92
CA GLY B 162 -25.93 6.78 6.59
C GLY B 162 -26.36 5.47 5.99
N GLY B 163 -25.94 4.39 6.63
CA GLY B 163 -26.27 3.09 6.13
C GLY B 163 -27.22 2.33 7.02
N MET B 164 -26.70 1.25 7.58
CA MET B 164 -27.47 0.41 8.47
C MET B 164 -27.83 1.21 9.71
N ASN B 165 -27.07 2.28 9.98
CA ASN B 165 -27.31 3.14 11.14
C ASN B 165 -27.76 2.33 12.36
N ARG B 166 -26.92 1.38 12.74
CA ARG B 166 -27.16 0.49 13.86
C ARG B 166 -28.58 0.03 14.14
N ARG B 167 -29.18 -0.69 13.19
CA ARG B 167 -30.50 -1.28 13.39
C ARG B 167 -30.34 -2.75 13.00
N PRO B 168 -30.55 -3.67 13.95
CA PRO B 168 -30.43 -5.12 13.77
C PRO B 168 -30.84 -5.63 12.40
N ILE B 169 -30.04 -6.55 11.88
CA ILE B 169 -30.26 -7.13 10.58
C ILE B 169 -30.02 -8.64 10.57
N LEU B 170 -30.74 -9.35 9.72
CA LEU B 170 -30.54 -10.78 9.60
C LEU B 170 -30.38 -10.98 8.10
N ILE B 171 -29.61 -11.98 7.69
CA ILE B 171 -29.41 -12.19 6.26
C ILE B 171 -29.90 -13.52 5.75
N ILE B 172 -30.90 -13.49 4.87
CA ILE B 172 -31.43 -14.71 4.31
C ILE B 172 -30.52 -15.22 3.16
N ILE B 173 -30.25 -16.53 3.19
CA ILE B 173 -29.44 -17.17 2.17
C ILE B 173 -30.36 -18.15 1.45
N THR B 174 -30.66 -17.83 0.19
CA THR B 174 -31.55 -18.64 -0.62
C THR B 174 -30.81 -19.45 -1.66
N LEU B 175 -30.85 -20.76 -1.52
CA LEU B 175 -30.25 -21.63 -2.51
C LEU B 175 -31.33 -21.55 -3.57
N GLU B 176 -30.98 -21.21 -4.81
CA GLU B 176 -32.00 -21.11 -5.84
C GLU B 176 -31.80 -21.99 -7.08
N MET B 177 -32.87 -22.06 -7.85
CA MET B 177 -32.93 -22.84 -9.07
C MET B 177 -32.14 -22.20 -10.19
N ARG B 178 -32.29 -22.78 -11.37
CA ARG B 178 -31.64 -22.27 -12.58
C ARG B 178 -32.42 -21.00 -12.93
N ASP B 179 -33.72 -21.16 -13.09
CA ASP B 179 -34.60 -20.05 -13.39
C ASP B 179 -34.46 -19.00 -12.29
N GLY B 180 -34.97 -19.30 -11.10
CA GLY B 180 -34.88 -18.36 -9.99
C GLY B 180 -35.61 -18.86 -8.75
N GLN B 181 -36.11 -20.08 -8.83
CA GLN B 181 -36.84 -20.68 -7.74
C GLN B 181 -35.99 -20.91 -6.49
N VAL B 182 -36.66 -20.93 -5.35
CA VAL B 182 -35.98 -21.18 -4.11
C VAL B 182 -36.35 -22.61 -3.73
N LEU B 183 -35.33 -23.36 -3.34
CA LEU B 183 -35.47 -24.74 -2.94
C LEU B 183 -35.12 -24.77 -1.48
N GLY B 184 -34.24 -23.85 -1.08
CA GLY B 184 -33.83 -23.77 0.31
C GLY B 184 -33.50 -22.35 0.72
N ARG B 185 -34.14 -21.91 1.79
CA ARG B 185 -33.90 -20.58 2.31
C ARG B 185 -33.41 -20.76 3.73
N ARG B 186 -32.49 -19.91 4.14
CA ARG B 186 -31.97 -20.02 5.49
C ARG B 186 -31.43 -18.69 5.94
N SER B 187 -32.02 -18.15 6.99
CA SER B 187 -31.62 -16.85 7.51
C SER B 187 -31.11 -16.86 8.94
N PHE B 188 -30.66 -15.69 9.39
CA PHE B 188 -30.13 -15.51 10.73
C PHE B 188 -29.64 -14.07 10.88
N GLU B 189 -29.69 -13.55 12.10
CA GLU B 189 -29.26 -12.18 12.34
C GLU B 189 -27.74 -12.10 12.27
N GLY B 190 -27.25 -10.90 12.03
CA GLY B 190 -25.83 -10.64 11.94
C GLY B 190 -25.57 -9.22 12.40
N ARG B 191 -24.36 -8.96 12.89
CA ARG B 191 -24.05 -7.64 13.36
C ARG B 191 -22.59 -7.39 13.07
N ILE B 192 -22.31 -6.50 12.12
CA ILE B 192 -20.92 -6.21 11.81
C ILE B 192 -20.36 -5.35 12.94
N CYS B 193 -19.76 -6.02 13.92
CA CYS B 193 -19.19 -5.35 15.07
C CYS B 193 -17.69 -5.21 14.82
N ALA B 194 -17.10 -4.19 15.43
CA ALA B 194 -15.67 -3.90 15.30
C ALA B 194 -14.85 -4.84 16.17
N CYS B 195 -15.58 -5.60 16.97
CA CYS B 195 -15.01 -6.60 17.88
C CYS B 195 -16.14 -7.52 18.29
N PRO B 196 -16.39 -8.58 17.49
CA PRO B 196 -17.46 -9.54 17.77
C PRO B 196 -17.30 -10.01 19.20
N GLY B 197 -16.08 -9.91 19.73
CA GLY B 197 -15.83 -10.34 21.08
C GLY B 197 -16.94 -9.91 22.02
N ARG B 198 -17.35 -8.66 21.89
CA ARG B 198 -18.40 -8.02 22.69
C ARG B 198 -19.82 -8.62 22.72
N ASP B 199 -20.42 -8.91 21.57
CA ASP B 199 -21.77 -9.48 21.63
C ASP B 199 -21.79 -10.85 22.25
N ARG B 200 -20.71 -11.18 22.97
CA ARG B 200 -20.67 -12.42 23.71
C ARG B 200 -21.50 -11.99 24.91
N LYS B 201 -21.39 -10.71 25.24
CA LYS B 201 -22.13 -10.18 26.37
C LYS B 201 -23.48 -9.60 25.99
N ALA B 202 -23.96 -9.90 24.78
CA ALA B 202 -25.30 -9.48 24.38
C ALA B 202 -26.08 -10.71 24.81
N ASP B 203 -25.41 -11.85 24.74
CA ASP B 203 -26.03 -13.11 25.16
C ASP B 203 -25.98 -13.17 26.69
N GLU B 204 -25.05 -12.42 27.27
CA GLU B 204 -24.92 -12.34 28.71
C GLU B 204 -26.11 -11.50 29.15
N ASP B 205 -26.41 -10.47 28.35
CA ASP B 205 -27.53 -9.60 28.64
C ASP B 205 -28.81 -10.34 28.27
N HIS B 206 -28.67 -11.59 27.87
CA HIS B 206 -29.85 -12.40 27.56
C HIS B 206 -30.26 -13.05 28.87
N TYR B 207 -29.30 -13.71 29.53
CA TYR B 207 -29.56 -14.33 30.83
C TYR B 207 -29.24 -13.35 31.95
N ARG B 208 -29.34 -12.07 31.58
CA ARG B 208 -29.14 -10.98 32.51
C ARG B 208 -30.32 -11.17 33.44
N GLU B 209 -31.44 -11.55 32.82
CA GLU B 209 -32.72 -11.76 33.48
C GLU B 209 -33.40 -10.41 33.80
N HIS C 8 42.53 -34.82 41.99
CA HIS C 8 41.92 -36.17 42.18
C HIS C 8 40.51 -36.13 42.79
N HIS C 9 40.19 -35.06 43.50
CA HIS C 9 38.89 -34.94 44.17
C HIS C 9 37.77 -34.21 43.43
N HIS C 10 37.84 -32.88 43.45
CA HIS C 10 36.81 -32.03 42.82
C HIS C 10 36.79 -32.08 41.28
N GLU C 11 35.86 -32.86 40.74
CA GLU C 11 35.70 -32.99 39.28
C GLU C 11 34.61 -32.00 38.82
N PHE C 12 34.97 -31.06 37.96
CA PHE C 12 33.99 -30.09 37.49
C PHE C 12 33.56 -30.29 36.04
N ILE C 13 33.78 -31.49 35.50
CA ILE C 13 33.28 -31.79 34.15
C ILE C 13 31.84 -32.17 34.55
N PRO C 14 30.82 -31.53 33.95
CA PRO C 14 29.43 -31.87 34.32
C PRO C 14 29.08 -33.35 34.50
N SER C 15 28.10 -33.59 35.37
CA SER C 15 27.65 -34.93 35.71
C SER C 15 26.20 -35.19 35.24
N ASN C 16 26.07 -35.79 34.05
CA ASN C 16 24.77 -36.11 33.41
C ASN C 16 23.71 -36.95 34.18
N THR C 17 23.95 -38.24 34.38
CA THR C 17 23.00 -39.12 35.07
C THR C 17 22.41 -38.40 36.28
N ASP C 18 21.11 -38.54 36.52
CA ASP C 18 20.52 -37.81 37.65
C ASP C 18 20.32 -38.53 38.98
N TYR C 19 20.46 -37.74 40.06
CA TYR C 19 20.37 -38.15 41.45
C TYR C 19 19.17 -37.57 42.19
N PRO C 20 18.09 -38.37 42.36
CA PRO C 20 16.85 -37.99 43.05
C PRO C 20 17.12 -37.33 44.39
N GLY C 21 18.22 -37.71 45.02
CA GLY C 21 18.58 -37.10 46.29
C GLY C 21 17.82 -37.50 47.54
N PRO C 22 18.25 -37.00 48.71
CA PRO C 22 17.66 -37.27 50.02
C PRO C 22 16.42 -36.46 50.37
N HIS C 23 15.86 -35.78 49.38
CA HIS C 23 14.65 -35.01 49.56
C HIS C 23 13.75 -35.34 48.37
N HIS C 24 14.12 -36.42 47.65
CA HIS C 24 13.43 -36.84 46.44
C HIS C 24 13.23 -35.60 45.57
N PHE C 25 14.30 -35.23 44.88
CA PHE C 25 14.32 -34.07 44.01
C PHE C 25 13.57 -34.43 42.74
N GLU C 26 12.68 -33.55 42.30
CA GLU C 26 11.92 -33.79 41.07
C GLU C 26 11.77 -32.48 40.31
N VAL C 27 12.12 -32.48 39.04
CA VAL C 27 11.94 -31.27 38.26
C VAL C 27 10.80 -31.59 37.30
N THR C 28 9.65 -30.96 37.55
CA THR C 28 8.46 -31.17 36.74
C THR C 28 8.09 -29.90 35.98
N PHE C 29 7.15 -30.05 35.05
CA PHE C 29 6.69 -28.91 34.27
C PHE C 29 5.24 -28.56 34.57
N GLN C 30 4.79 -27.54 33.89
CA GLN C 30 3.42 -27.09 33.97
C GLN C 30 3.04 -27.37 32.52
N GLN C 31 1.75 -27.51 32.23
CA GLN C 31 1.33 -27.76 30.86
C GLN C 31 1.73 -26.54 30.04
N SER C 32 1.76 -26.68 28.72
CA SER C 32 2.14 -25.57 27.87
C SER C 32 1.20 -25.44 26.69
N SER C 33 1.17 -24.24 26.11
CA SER C 33 0.32 -23.93 24.96
C SER C 33 0.74 -24.88 23.88
N THR C 34 0.15 -26.09 23.89
CA THR C 34 0.48 -27.12 22.91
C THR C 34 0.45 -26.56 21.47
N ALA C 35 -0.05 -25.33 21.37
CA ALA C 35 -0.14 -24.58 20.11
C ALA C 35 1.25 -24.43 19.54
N LYS C 36 1.37 -24.59 18.22
CA LYS C 36 2.67 -24.54 17.58
C LYS C 36 3.66 -23.45 17.98
N SER C 37 3.22 -22.19 17.96
CA SER C 37 4.14 -21.10 18.26
C SER C 37 4.42 -20.88 19.74
N ALA C 38 3.82 -21.70 20.59
CA ALA C 38 3.99 -21.58 22.04
C ALA C 38 5.35 -21.09 22.46
N THR C 39 5.35 -20.09 23.35
CA THR C 39 6.59 -19.52 23.86
C THR C 39 7.50 -20.74 24.11
N TRP C 40 6.94 -21.73 24.81
CA TRP C 40 7.65 -22.96 25.12
C TRP C 40 6.65 -24.08 25.30
N THR C 41 7.12 -25.30 25.12
CA THR C 41 6.28 -26.47 25.27
C THR C 41 7.17 -27.67 25.58
N TYR C 42 6.68 -28.53 26.48
CA TYR C 42 7.41 -29.73 26.90
C TYR C 42 6.85 -31.02 26.31
N SER C 43 7.73 -31.92 25.89
CA SER C 43 7.28 -33.19 25.32
C SER C 43 7.63 -34.34 26.25
N PRO C 44 6.87 -34.48 27.34
CA PRO C 44 7.02 -35.51 28.39
C PRO C 44 7.57 -36.84 27.89
N LEU C 45 7.00 -37.30 26.78
CA LEU C 45 7.40 -38.57 26.16
C LEU C 45 8.86 -38.52 25.72
N LEU C 46 9.13 -37.69 24.72
CA LEU C 46 10.48 -37.54 24.20
C LEU C 46 11.38 -36.86 25.24
N LYS C 47 10.75 -36.28 26.26
CA LYS C 47 11.39 -35.57 27.39
C LYS C 47 12.34 -34.46 26.97
N LYS C 48 11.88 -33.69 25.98
CA LYS C 48 12.59 -32.56 25.42
C LYS C 48 11.83 -31.26 25.75
N LEU C 49 12.53 -30.28 26.30
CA LEU C 49 11.85 -29.04 26.56
C LEU C 49 12.07 -28.24 25.32
N TYR C 50 10.99 -27.66 24.82
CA TYR C 50 11.09 -26.84 23.64
C TYR C 50 10.81 -25.41 24.07
N CYS C 51 11.85 -24.59 24.14
CA CYS C 51 11.72 -23.21 24.54
C CYS C 51 12.25 -22.31 23.41
N GLN C 52 11.80 -21.06 23.40
CA GLN C 52 12.24 -20.09 22.39
C GLN C 52 13.23 -19.09 22.95
N ILE C 53 13.94 -18.43 22.05
CA ILE C 53 14.97 -17.52 22.51
C ILE C 53 14.54 -16.30 23.34
N ALA C 54 15.16 -16.19 24.51
CA ALA C 54 14.93 -15.12 25.45
C ALA C 54 13.51 -15.15 25.98
N LYS C 55 12.65 -16.03 25.46
CA LYS C 55 11.27 -16.08 25.97
C LYS C 55 11.26 -16.79 27.32
N THR C 56 10.30 -16.45 28.18
CA THR C 56 10.24 -17.02 29.51
C THR C 56 9.77 -18.44 29.69
N CYS C 57 10.65 -19.26 30.23
CA CYS C 57 10.32 -20.65 30.46
C CYS C 57 10.35 -20.94 31.97
N PRO C 58 9.24 -21.48 32.51
CA PRO C 58 9.14 -21.82 33.94
C PRO C 58 9.51 -23.28 34.15
N ILE C 59 9.81 -23.67 35.38
CA ILE C 59 10.12 -25.06 35.68
C ILE C 59 9.77 -25.40 37.13
N GLN C 60 8.72 -26.20 37.28
CA GLN C 60 8.24 -26.61 38.58
C GLN C 60 9.29 -27.47 39.28
N ILE C 61 9.68 -27.06 40.48
CA ILE C 61 10.65 -27.83 41.23
C ILE C 61 10.19 -28.07 42.66
N LYS C 62 10.22 -29.33 43.09
CA LYS C 62 9.81 -29.66 44.43
C LYS C 62 10.60 -30.77 45.09
N VAL C 63 10.40 -30.87 46.39
CA VAL C 63 11.04 -31.86 47.21
C VAL C 63 10.11 -32.13 48.37
N SER C 64 10.02 -33.39 48.77
CA SER C 64 9.15 -33.77 49.88
C SER C 64 9.65 -33.05 51.14
N THR C 65 10.81 -33.45 51.65
CA THR C 65 11.32 -32.79 52.84
C THR C 65 12.07 -31.54 52.38
N PRO C 66 12.36 -30.62 53.31
CA PRO C 66 13.06 -29.38 52.98
C PRO C 66 14.57 -29.52 52.95
N PRO C 67 15.24 -28.73 52.09
CA PRO C 67 16.70 -28.71 51.92
C PRO C 67 17.46 -27.85 52.97
N PRO C 68 18.68 -28.29 53.34
CA PRO C 68 19.57 -27.65 54.32
C PRO C 68 19.85 -26.17 54.10
N PRO C 69 19.68 -25.36 55.16
CA PRO C 69 19.92 -23.91 55.07
C PRO C 69 21.12 -23.65 54.19
N GLY C 70 20.92 -22.80 53.19
CA GLY C 70 22.01 -22.46 52.30
C GLY C 70 21.82 -23.08 50.94
N THR C 71 20.92 -24.05 50.89
CA THR C 71 20.63 -24.73 49.64
C THR C 71 20.41 -23.73 48.52
N ALA C 72 20.82 -24.17 47.33
CA ALA C 72 20.70 -23.39 46.12
C ALA C 72 20.38 -24.31 44.94
N ILE C 73 20.06 -23.71 43.78
CA ILE C 73 19.77 -24.45 42.54
C ILE C 73 20.61 -23.94 41.36
N ARG C 74 21.15 -24.88 40.61
CA ARG C 74 22.00 -24.54 39.50
C ARG C 74 21.55 -25.21 38.23
N ALA C 75 21.49 -24.40 37.19
CA ALA C 75 21.10 -24.93 35.91
C ALA C 75 22.31 -24.73 35.02
N MET C 76 22.84 -25.84 34.46
CA MET C 76 23.98 -25.76 33.56
C MET C 76 23.83 -26.56 32.26
N PRO C 77 24.10 -25.94 31.10
CA PRO C 77 24.02 -26.50 29.75
C PRO C 77 25.17 -27.40 29.39
N VAL C 78 24.85 -28.51 28.74
CA VAL C 78 25.83 -29.48 28.31
C VAL C 78 25.48 -30.14 26.98
N TYR C 79 26.35 -30.03 25.99
CA TYR C 79 26.08 -30.65 24.70
C TYR C 79 25.73 -32.13 24.90
N LYS C 80 24.56 -32.54 24.39
CA LYS C 80 24.11 -33.93 24.53
C LYS C 80 24.99 -34.97 23.83
N LYS C 81 25.55 -34.63 22.67
CA LYS C 81 26.42 -35.57 21.96
C LYS C 81 27.81 -35.58 22.60
N ALA C 82 28.41 -36.78 22.69
CA ALA C 82 29.73 -36.96 23.31
C ALA C 82 30.91 -36.42 22.51
N GLU C 83 30.77 -36.36 21.18
CA GLU C 83 31.85 -35.82 20.37
C GLU C 83 31.87 -34.31 20.54
N HIS C 84 30.86 -33.81 21.26
CA HIS C 84 30.72 -32.39 21.52
C HIS C 84 30.76 -32.12 23.03
N VAL C 85 30.56 -33.18 23.81
CA VAL C 85 30.54 -33.09 25.27
C VAL C 85 31.60 -32.16 25.82
N THR C 86 32.81 -32.33 25.33
CA THR C 86 33.92 -31.53 25.77
C THR C 86 33.59 -30.04 25.72
N ASP C 87 33.24 -29.57 24.53
CA ASP C 87 32.92 -28.16 24.26
C ASP C 87 32.01 -27.44 25.24
N VAL C 88 32.35 -26.20 25.52
CA VAL C 88 31.58 -25.42 26.46
C VAL C 88 30.49 -24.65 25.77
N VAL C 89 29.31 -24.66 26.37
CA VAL C 89 28.14 -23.98 25.86
C VAL C 89 28.15 -22.48 26.16
N LYS C 90 28.65 -21.69 25.22
CA LYS C 90 28.69 -20.25 25.40
C LYS C 90 27.84 -19.66 24.27
N ARG C 91 26.94 -18.76 24.61
CA ARG C 91 26.08 -18.10 23.62
C ARG C 91 26.93 -17.76 22.37
N CYS C 92 26.51 -18.17 21.17
CA CYS C 92 27.27 -17.87 19.95
C CYS C 92 27.84 -16.45 19.99
N PRO C 93 29.16 -16.27 19.72
CA PRO C 93 29.81 -14.95 19.75
C PRO C 93 28.99 -13.89 19.04
N ASN C 94 28.17 -14.35 18.11
CA ASN C 94 27.27 -13.48 17.37
C ASN C 94 26.50 -12.68 18.42
N HIS C 95 25.61 -13.35 19.16
CA HIS C 95 24.81 -12.71 20.21
C HIS C 95 25.64 -12.07 21.32
N GLU C 96 26.65 -12.81 21.79
CA GLU C 96 27.54 -12.34 22.83
C GLU C 96 27.77 -10.92 22.39
N LEU C 97 28.51 -10.76 21.29
CA LEU C 97 28.80 -9.44 20.78
C LEU C 97 27.61 -8.59 20.38
N GLY C 98 26.43 -9.20 20.35
CA GLY C 98 25.24 -8.45 19.98
C GLY C 98 24.95 -7.38 21.01
N ARG C 99 24.58 -6.18 20.58
CA ARG C 99 24.27 -5.14 21.56
C ARG C 99 22.83 -5.33 22.03
N ASP C 100 22.13 -6.24 21.38
CA ASP C 100 20.77 -6.49 21.75
C ASP C 100 20.67 -7.55 22.84
N PHE C 101 19.57 -7.49 23.58
CA PHE C 101 19.31 -8.41 24.67
C PHE C 101 20.36 -8.35 25.75
N ASN C 102 21.44 -7.64 25.46
CA ASN C 102 22.49 -7.54 26.42
C ASN C 102 22.36 -6.24 27.20
N GLU C 103 22.02 -5.16 26.52
CA GLU C 103 21.87 -3.87 27.19
C GLU C 103 20.66 -3.88 28.12
N GLY C 104 20.86 -3.38 29.34
CA GLY C 104 19.78 -3.35 30.31
C GLY C 104 19.68 -4.67 31.05
N GLN C 105 20.79 -5.41 31.05
CA GLN C 105 20.87 -6.70 31.71
C GLN C 105 22.11 -6.77 32.59
N SER C 106 22.00 -7.51 33.69
CA SER C 106 23.10 -7.71 34.63
C SER C 106 23.72 -9.03 34.21
N ALA C 107 22.86 -9.88 33.65
CA ALA C 107 23.24 -11.19 33.16
C ALA C 107 24.27 -11.09 32.08
N PRO C 108 25.39 -11.82 32.23
CA PRO C 108 26.51 -11.84 31.28
C PRO C 108 26.11 -12.36 29.88
N ALA C 109 26.31 -11.53 28.87
CA ALA C 109 25.97 -11.90 27.50
C ALA C 109 26.81 -13.07 27.01
N SER C 110 27.91 -13.33 27.71
CA SER C 110 28.76 -14.43 27.35
C SER C 110 27.93 -15.72 27.54
N HIS C 111 27.12 -15.72 28.60
CA HIS C 111 26.27 -16.85 28.98
C HIS C 111 25.14 -17.19 27.99
N LEU C 112 24.44 -18.28 28.28
CA LEU C 112 23.32 -18.75 27.48
C LEU C 112 22.04 -18.87 28.31
N ILE C 113 22.16 -19.35 29.53
CA ILE C 113 21.00 -19.50 30.38
C ILE C 113 20.90 -18.35 31.37
N ARG C 114 19.69 -17.81 31.53
CA ARG C 114 19.46 -16.70 32.45
C ARG C 114 18.34 -17.00 33.42
N VAL C 115 18.23 -16.17 34.45
CA VAL C 115 17.18 -16.28 35.45
C VAL C 115 16.38 -14.97 35.47
N GLU C 116 15.17 -15.02 34.93
CA GLU C 116 14.31 -13.84 34.87
C GLU C 116 13.46 -13.86 36.12
N GLY C 117 13.73 -12.98 37.07
CA GLY C 117 12.91 -12.92 38.26
C GLY C 117 13.51 -12.92 39.66
N ASN C 118 14.58 -13.67 39.83
CA ASN C 118 15.26 -13.79 41.10
C ASN C 118 16.35 -12.74 41.23
N ASN C 119 16.18 -11.82 42.17
CA ASN C 119 17.15 -10.76 42.36
C ASN C 119 18.52 -11.28 42.77
N LEU C 120 18.55 -12.43 43.43
CA LEU C 120 19.79 -13.02 43.92
C LEU C 120 20.47 -13.99 42.96
N SER C 121 20.06 -13.93 41.71
CA SER C 121 20.64 -14.78 40.68
C SER C 121 22.14 -14.54 40.59
N GLN C 122 22.94 -15.60 40.74
CA GLN C 122 24.39 -15.48 40.61
C GLN C 122 24.79 -16.27 39.36
N TYR C 123 25.43 -15.60 38.40
CA TYR C 123 25.85 -16.28 37.17
C TYR C 123 27.28 -16.79 37.33
N VAL C 124 27.39 -18.07 37.68
CA VAL C 124 28.67 -18.71 37.89
C VAL C 124 29.43 -18.89 36.60
N ASP C 125 30.73 -18.64 36.65
CA ASP C 125 31.59 -18.81 35.48
C ASP C 125 32.88 -19.52 35.91
N ASP C 126 32.73 -20.82 36.18
CA ASP C 126 33.78 -21.74 36.63
C ASP C 126 35.14 -21.32 36.13
N PRO C 127 36.10 -21.13 37.05
CA PRO C 127 37.43 -20.72 36.61
C PRO C 127 38.40 -21.92 36.61
N VAL C 128 37.86 -23.10 36.89
CA VAL C 128 38.65 -24.32 36.93
C VAL C 128 38.36 -25.20 35.71
N THR C 129 37.12 -25.14 35.21
CA THR C 129 36.69 -25.94 34.07
C THR C 129 36.27 -25.02 32.95
N GLY C 130 35.80 -23.84 33.34
CA GLY C 130 35.33 -22.85 32.40
C GLY C 130 33.86 -23.03 32.05
N ARG C 131 33.14 -23.75 32.91
CA ARG C 131 31.73 -24.04 32.75
C ARG C 131 30.81 -22.91 33.17
N GLN C 132 29.97 -22.44 32.26
CA GLN C 132 29.06 -21.37 32.58
C GLN C 132 27.77 -21.92 33.16
N SER C 133 27.07 -21.12 33.95
CA SER C 133 25.81 -21.54 34.53
C SER C 133 25.21 -20.44 35.38
N VAL C 134 24.08 -20.73 35.99
CA VAL C 134 23.43 -19.77 36.85
C VAL C 134 22.90 -20.48 38.07
N VAL C 135 23.15 -19.87 39.23
CA VAL C 135 22.72 -20.41 40.51
C VAL C 135 21.84 -19.40 41.25
N VAL C 136 20.93 -19.93 42.06
CA VAL C 136 20.02 -19.12 42.85
C VAL C 136 19.83 -19.83 44.17
N PRO C 137 19.39 -19.10 45.21
CA PRO C 137 19.17 -19.71 46.52
C PRO C 137 18.00 -20.64 46.35
N TYR C 138 17.83 -21.62 47.23
CA TYR C 138 16.66 -22.46 47.06
C TYR C 138 15.56 -21.53 47.54
N GLU C 139 14.31 -21.80 47.19
CA GLU C 139 13.22 -20.93 47.59
C GLU C 139 11.99 -21.74 47.98
N PRO C 140 11.63 -21.76 49.27
CA PRO C 140 10.46 -22.51 49.76
C PRO C 140 9.15 -22.20 49.06
N PRO C 141 8.33 -23.22 48.80
CA PRO C 141 7.06 -22.98 48.14
C PRO C 141 6.08 -22.45 49.19
N GLN C 142 6.06 -21.12 49.33
CA GLN C 142 5.25 -20.39 50.31
C GLN C 142 3.79 -20.80 50.59
N VAL C 143 2.87 -20.56 49.67
CA VAL C 143 1.47 -20.96 49.90
C VAL C 143 0.99 -21.85 48.77
N GLY C 144 1.77 -21.87 47.69
CA GLY C 144 1.40 -22.67 46.55
C GLY C 144 1.60 -24.16 46.78
N THR C 145 1.15 -24.93 45.80
CA THR C 145 1.29 -26.38 45.82
C THR C 145 2.79 -26.55 45.97
N GLU C 146 3.21 -27.75 46.33
CA GLU C 146 4.61 -28.02 46.53
C GLU C 146 5.53 -27.37 45.49
N PHE C 147 5.11 -27.36 44.23
CA PHE C 147 5.92 -26.76 43.19
C PHE C 147 6.43 -25.34 43.53
N THR C 148 7.71 -25.10 43.27
CA THR C 148 8.32 -23.78 43.44
C THR C 148 8.94 -23.50 42.06
N THR C 149 8.73 -22.29 41.53
CA THR C 149 9.20 -21.99 40.19
C THR C 149 10.35 -21.05 39.94
N ILE C 150 11.21 -21.44 38.98
CA ILE C 150 12.35 -20.65 38.55
C ILE C 150 11.99 -20.25 37.14
N LEU C 151 12.46 -19.08 36.73
CA LEU C 151 12.15 -18.57 35.41
C LEU C 151 13.43 -18.42 34.57
N TYR C 152 13.66 -19.42 33.73
CA TYR C 152 14.84 -19.45 32.87
C TYR C 152 14.66 -18.89 31.46
N ASN C 153 15.71 -18.27 30.94
CA ASN C 153 15.70 -17.70 29.60
C ASN C 153 16.88 -18.25 28.83
N PHE C 154 16.72 -18.40 27.53
CA PHE C 154 17.79 -18.95 26.69
C PHE C 154 18.25 -18.00 25.58
N MET C 155 19.42 -17.41 25.73
CA MET C 155 19.86 -16.42 24.74
C MET C 155 20.51 -16.82 23.42
N CYS C 156 20.23 -18.02 22.94
CA CYS C 156 20.80 -18.45 21.66
C CYS C 156 20.00 -19.64 21.17
N ASN C 157 19.69 -19.67 19.88
CA ASN C 157 18.95 -20.80 19.29
C ASN C 157 19.92 -21.95 19.22
N SER C 158 19.44 -23.16 19.48
CA SER C 158 20.31 -24.32 19.41
C SER C 158 20.85 -24.39 17.98
N SER C 159 20.18 -23.64 17.10
CA SER C 159 20.54 -23.55 15.70
C SER C 159 21.47 -22.38 15.40
N CYS C 160 21.90 -21.65 16.42
CA CYS C 160 22.79 -20.51 16.18
C CYS C 160 24.12 -20.99 15.61
N VAL C 161 24.76 -20.11 14.86
CA VAL C 161 26.02 -20.46 14.24
C VAL C 161 27.21 -19.99 15.06
N GLY C 162 28.33 -20.68 14.88
CA GLY C 162 29.49 -20.35 15.67
C GLY C 162 29.25 -21.09 16.97
N GLY C 163 28.10 -20.80 17.61
CA GLY C 163 27.76 -21.47 18.85
C GLY C 163 27.20 -22.88 18.69
N MET C 164 26.13 -23.17 19.45
CA MET C 164 25.46 -24.46 19.45
C MET C 164 25.49 -25.13 18.10
N ASN C 165 25.33 -24.34 17.04
CA ASN C 165 25.37 -24.87 15.69
C ASN C 165 24.58 -26.18 15.50
N ARG C 166 23.28 -26.13 15.75
CA ARG C 166 22.42 -27.32 15.60
C ARG C 166 22.74 -28.45 16.59
N ARG C 167 23.78 -28.28 17.40
CA ARG C 167 24.16 -29.29 18.40
C ARG C 167 23.09 -29.44 19.47
N PRO C 168 22.72 -30.68 19.82
CA PRO C 168 21.71 -30.89 20.85
C PRO C 168 22.31 -30.65 22.23
N ILE C 169 21.63 -29.83 23.01
CA ILE C 169 22.10 -29.53 24.35
C ILE C 169 21.16 -30.21 25.32
N LEU C 170 21.74 -30.69 26.41
CA LEU C 170 21.01 -31.35 27.47
C LEU C 170 21.18 -30.53 28.77
N ILE C 171 20.08 -29.96 29.28
CA ILE C 171 20.14 -29.14 30.48
C ILE C 171 20.30 -29.90 31.80
N ILE C 172 21.06 -29.30 32.71
CA ILE C 172 21.27 -29.92 34.00
C ILE C 172 21.00 -28.96 35.17
N ILE C 173 20.01 -29.35 35.94
CA ILE C 173 19.58 -28.63 37.12
C ILE C 173 20.16 -29.38 38.31
N THR C 174 20.95 -28.72 39.13
CA THR C 174 21.50 -29.42 40.27
C THR C 174 20.97 -28.81 41.58
N LEU C 175 21.06 -29.58 42.65
CA LEU C 175 20.61 -29.18 43.99
C LEU C 175 21.89 -29.15 44.81
N GLU C 176 22.18 -28.04 45.49
CA GLU C 176 23.43 -27.97 46.23
C GLU C 176 23.46 -27.37 47.60
N MET C 177 24.61 -27.59 48.22
CA MET C 177 24.93 -27.07 49.53
C MET C 177 25.74 -25.81 49.23
N ARG C 178 25.75 -24.85 50.15
CA ARG C 178 26.54 -23.65 49.94
C ARG C 178 27.90 -24.30 49.66
N ASP C 179 28.14 -25.40 50.39
CA ASP C 179 29.35 -26.23 50.29
C ASP C 179 29.66 -26.34 48.81
N GLY C 180 28.59 -26.54 48.06
CA GLY C 180 28.69 -26.69 46.63
C GLY C 180 28.36 -28.15 46.41
N GLN C 181 28.36 -28.92 47.50
CA GLN C 181 28.06 -30.35 47.44
C GLN C 181 26.66 -30.59 46.85
N VAL C 182 26.52 -31.63 46.04
CA VAL C 182 25.24 -31.93 45.40
C VAL C 182 24.32 -32.91 46.11
N LEU C 183 23.07 -32.48 46.27
CA LEU C 183 22.02 -33.23 46.94
C LEU C 183 21.06 -33.82 45.94
N GLY C 184 20.84 -33.10 44.85
CA GLY C 184 19.94 -33.56 43.82
C GLY C 184 20.40 -33.17 42.44
N ARG C 185 19.78 -33.78 41.42
CA ARG C 185 20.14 -33.49 40.04
C ARG C 185 19.17 -34.19 39.11
N ARG C 186 18.79 -33.50 38.04
CA ARG C 186 17.88 -34.05 37.06
C ARG C 186 18.21 -33.34 35.77
N SER C 187 17.80 -33.92 34.66
CA SER C 187 18.16 -33.34 33.39
C SER C 187 17.18 -33.63 32.28
N PHE C 188 17.42 -33.04 31.10
CA PHE C 188 16.58 -33.24 29.93
C PHE C 188 17.17 -32.56 28.68
N GLU C 189 16.70 -32.95 27.49
CA GLU C 189 17.22 -32.34 26.26
C GLU C 189 16.44 -31.06 25.99
N GLY C 190 17.16 -30.03 25.54
CA GLY C 190 16.51 -28.77 25.23
C GLY C 190 16.82 -28.44 23.80
N ARG C 191 16.00 -27.59 23.20
CA ARG C 191 16.18 -27.17 21.83
C ARG C 191 15.64 -25.77 21.68
N ILE C 192 16.52 -24.79 21.61
CA ILE C 192 16.03 -23.42 21.45
C ILE C 192 15.78 -23.14 19.96
N CYS C 193 14.50 -22.90 19.68
CA CYS C 193 14.04 -22.68 18.33
C CYS C 193 12.79 -21.82 18.27
N ALA C 194 12.30 -21.68 17.05
CA ALA C 194 11.10 -20.96 16.75
C ALA C 194 10.21 -22.11 16.45
N CYS C 195 8.94 -21.98 16.76
CA CYS C 195 7.99 -23.04 16.47
C CYS C 195 8.17 -24.29 17.33
N PRO C 196 8.54 -24.14 18.62
CA PRO C 196 8.71 -25.35 19.42
C PRO C 196 7.58 -26.36 19.19
N GLY C 197 6.36 -25.87 19.01
CA GLY C 197 5.26 -26.78 18.76
C GLY C 197 5.56 -27.65 17.55
N ARG C 198 5.69 -27.00 16.40
CA ARG C 198 5.98 -27.68 15.15
C ARG C 198 7.07 -28.68 15.41
N ASP C 199 8.21 -28.14 15.77
CA ASP C 199 9.37 -28.94 16.06
C ASP C 199 9.04 -30.13 16.97
N ARG C 200 8.39 -29.88 18.12
CA ARG C 200 8.01 -30.97 19.04
C ARG C 200 7.11 -32.01 18.36
N LYS C 201 6.01 -31.58 17.74
CA LYS C 201 5.14 -32.53 17.06
C LYS C 201 6.01 -33.36 16.13
N ALA C 202 6.75 -32.66 15.28
CA ALA C 202 7.65 -33.29 14.35
C ALA C 202 8.35 -34.47 14.99
N ASP C 203 9.13 -34.17 16.02
CA ASP C 203 9.88 -35.19 16.71
C ASP C 203 8.99 -36.27 17.32
N GLU C 204 7.82 -35.89 17.83
CA GLU C 204 6.94 -36.89 18.43
C GLU C 204 6.35 -37.84 17.40
N ASP C 205 6.44 -37.50 16.12
CA ASP C 205 5.90 -38.34 15.07
C ASP C 205 6.98 -39.16 14.36
N HIS C 206 8.24 -38.88 14.64
CA HIS C 206 9.34 -39.65 14.07
C HIS C 206 9.42 -40.85 14.98
N TYR C 207 9.20 -40.57 16.25
CA TYR C 207 9.22 -41.56 17.33
C TYR C 207 7.89 -42.30 17.31
N ARG C 208 6.81 -41.52 17.23
CA ARG C 208 5.44 -42.05 17.20
C ARG C 208 5.34 -42.94 15.96
N GLU C 209 6.29 -42.75 15.04
CA GLU C 209 6.34 -43.54 13.81
C GLU C 209 7.12 -44.79 14.21
N GLN C 210 8.38 -44.58 14.57
CA GLN C 210 9.28 -45.67 14.98
C GLN C 210 10.57 -45.12 15.55
N HIS D 10 31.31 8.22 7.87
CA HIS D 10 30.89 9.28 6.90
C HIS D 10 29.68 8.81 6.13
N GLU D 11 28.74 9.73 5.89
CA GLU D 11 27.52 9.45 5.16
C GLU D 11 27.89 9.32 3.69
N PHE D 12 29.17 9.07 3.42
CA PHE D 12 29.64 8.92 2.06
C PHE D 12 29.04 7.69 1.47
N ILE D 13 28.62 7.80 0.22
CA ILE D 13 28.06 6.67 -0.48
C ILE D 13 28.89 6.49 -1.73
N PRO D 14 29.32 5.25 -1.98
CA PRO D 14 30.14 4.94 -3.15
C PRO D 14 29.46 5.22 -4.48
N SER D 15 30.28 5.59 -5.47
CA SER D 15 29.81 5.88 -6.82
C SER D 15 29.51 4.52 -7.45
N ASN D 16 28.39 4.42 -8.17
CA ASN D 16 27.98 3.14 -8.76
C ASN D 16 27.55 3.13 -10.23
N THR D 17 27.60 4.28 -10.89
CA THR D 17 27.21 4.32 -12.29
C THR D 17 28.22 3.51 -13.08
N ASP D 18 27.82 2.91 -14.19
CA ASP D 18 28.76 2.13 -15.01
C ASP D 18 29.63 3.05 -15.85
N TYR D 19 30.94 3.06 -15.62
CA TYR D 19 31.83 3.91 -16.41
C TYR D 19 32.42 2.97 -17.44
N PRO D 20 32.19 3.24 -18.74
CA PRO D 20 32.72 2.38 -19.80
C PRO D 20 34.24 2.38 -19.82
N GLY D 21 34.81 3.57 -19.61
CA GLY D 21 36.26 3.74 -19.62
C GLY D 21 36.66 4.21 -21.00
N PRO D 22 37.57 5.18 -21.14
CA PRO D 22 37.90 5.56 -22.51
C PRO D 22 38.36 4.29 -23.18
N HIS D 23 38.79 3.36 -22.35
CA HIS D 23 39.28 2.08 -22.81
C HIS D 23 38.15 1.10 -22.85
N HIS D 24 36.95 1.62 -22.92
CA HIS D 24 35.77 0.77 -22.97
C HIS D 24 35.94 -0.40 -22.01
N PHE D 25 36.47 -0.11 -20.84
CA PHE D 25 36.64 -1.15 -19.85
C PHE D 25 35.30 -1.86 -19.82
N GLU D 26 35.34 -3.18 -19.92
CA GLU D 26 34.12 -3.97 -19.90
C GLU D 26 34.28 -5.19 -18.97
N VAL D 27 33.31 -5.40 -18.08
CA VAL D 27 33.34 -6.55 -17.16
C VAL D 27 32.25 -7.53 -17.56
N THR D 28 32.63 -8.80 -17.69
CA THR D 28 31.67 -9.84 -18.08
C THR D 28 31.98 -11.14 -17.39
N PHE D 29 31.09 -12.11 -17.57
CA PHE D 29 31.24 -13.43 -16.96
C PHE D 29 31.38 -14.54 -17.99
N GLN D 30 32.29 -15.47 -17.74
CA GLN D 30 32.44 -16.58 -18.67
C GLN D 30 31.05 -17.20 -18.67
N GLN D 31 30.61 -17.67 -19.83
CA GLN D 31 29.28 -18.23 -19.96
C GLN D 31 29.14 -19.68 -19.54
N SER D 32 28.03 -19.97 -18.88
CA SER D 32 27.70 -21.32 -18.43
C SER D 32 26.94 -21.99 -19.60
N SER D 33 27.43 -23.15 -20.03
CA SER D 33 26.81 -23.90 -21.13
C SER D 33 25.77 -24.88 -20.58
N THR D 34 24.57 -24.39 -20.31
CA THR D 34 23.47 -25.17 -19.74
C THR D 34 23.86 -25.99 -18.50
N ALA D 35 24.16 -25.28 -17.40
CA ALA D 35 24.56 -25.89 -16.13
C ALA D 35 23.49 -25.59 -15.06
N LYS D 36 23.40 -26.48 -14.07
CA LYS D 36 22.41 -26.37 -12.99
C LYS D 36 22.82 -25.68 -11.69
N SER D 37 23.60 -26.38 -10.86
CA SER D 37 24.02 -25.88 -9.55
C SER D 37 25.52 -25.97 -9.21
N ALA D 38 26.35 -25.28 -9.98
CA ALA D 38 27.78 -25.29 -9.73
C ALA D 38 28.09 -24.36 -8.55
N THR D 39 29.35 -23.96 -8.45
CA THR D 39 29.79 -23.06 -7.38
C THR D 39 29.17 -21.67 -7.56
N TRP D 40 29.09 -21.22 -8.82
CA TRP D 40 28.61 -19.90 -9.18
C TRP D 40 27.83 -19.89 -10.51
N THR D 41 27.15 -18.78 -10.77
CA THR D 41 26.39 -18.58 -12.01
C THR D 41 25.99 -17.10 -12.17
N TYR D 42 26.17 -16.54 -13.36
CA TYR D 42 25.80 -15.14 -13.58
C TYR D 42 24.61 -15.06 -14.47
N SER D 43 23.60 -14.30 -14.04
CA SER D 43 22.40 -14.16 -14.86
C SER D 43 22.29 -12.79 -15.48
N PRO D 44 22.41 -12.76 -16.81
CA PRO D 44 22.33 -11.54 -17.61
C PRO D 44 20.87 -11.17 -17.56
N LEU D 45 20.05 -12.20 -17.30
CA LEU D 45 18.59 -12.09 -17.20
C LEU D 45 18.24 -11.10 -16.10
N LEU D 46 19.04 -11.11 -15.05
CA LEU D 46 18.86 -10.25 -13.88
C LEU D 46 20.12 -9.41 -13.54
N LYS D 47 21.18 -9.56 -14.31
CA LYS D 47 22.40 -8.81 -14.08
C LYS D 47 22.93 -8.94 -12.65
N LYS D 48 22.70 -10.10 -12.05
CA LYS D 48 23.21 -10.39 -10.71
C LYS D 48 23.73 -11.83 -10.70
N LEU D 49 24.91 -12.02 -10.11
CA LEU D 49 25.46 -13.36 -10.08
C LEU D 49 25.16 -14.05 -8.79
N TYR D 50 25.36 -15.36 -8.82
CA TYR D 50 25.04 -16.24 -7.71
C TYR D 50 26.22 -17.11 -7.31
N CYS D 51 27.10 -16.61 -6.46
CA CYS D 51 28.21 -17.45 -6.07
C CYS D 51 28.06 -18.09 -4.67
N GLN D 52 28.15 -19.41 -4.61
CA GLN D 52 28.05 -20.10 -3.34
C GLN D 52 29.21 -19.56 -2.49
N ILE D 53 28.95 -19.24 -1.21
CA ILE D 53 29.96 -18.66 -0.32
C ILE D 53 31.32 -19.37 -0.19
N ALA D 54 32.35 -18.55 -0.09
CA ALA D 54 33.72 -19.00 0.08
C ALA D 54 34.31 -19.69 -1.14
N LYS D 55 33.47 -20.28 -1.98
CA LYS D 55 34.02 -20.94 -3.15
C LYS D 55 34.60 -19.91 -4.08
N THR D 56 35.57 -20.37 -4.85
CA THR D 56 36.24 -19.49 -5.78
C THR D 56 35.17 -19.06 -6.77
N CYS D 57 35.51 -18.05 -7.53
CA CYS D 57 34.62 -17.52 -8.53
C CYS D 57 35.45 -16.58 -9.39
N PRO D 58 35.35 -16.73 -10.71
CA PRO D 58 36.11 -15.91 -11.65
C PRO D 58 35.27 -14.86 -12.38
N ILE D 59 35.86 -13.70 -12.63
CA ILE D 59 35.16 -12.67 -13.36
C ILE D 59 36.15 -12.24 -14.44
N GLN D 60 35.69 -12.18 -15.69
CA GLN D 60 36.56 -11.82 -16.81
C GLN D 60 36.58 -10.32 -17.09
N ILE D 61 37.68 -9.82 -17.65
CA ILE D 61 37.82 -8.39 -17.94
C ILE D 61 38.35 -8.05 -19.34
N LYS D 62 37.56 -7.32 -20.11
CA LYS D 62 37.99 -6.92 -21.44
C LYS D 62 38.27 -5.42 -21.37
N VAL D 63 38.83 -4.88 -22.45
CA VAL D 63 39.16 -3.46 -22.53
C VAL D 63 39.04 -3.02 -23.99
N SER D 64 39.55 -1.81 -24.27
CA SER D 64 39.55 -1.25 -25.62
C SER D 64 40.98 -0.94 -26.01
N THR D 65 41.60 -0.03 -25.25
CA THR D 65 42.98 0.36 -25.48
C THR D 65 43.75 0.02 -24.19
N PRO D 66 45.06 -0.27 -24.29
CA PRO D 66 45.85 -0.60 -23.10
C PRO D 66 45.85 0.48 -22.03
N PRO D 67 45.77 0.09 -20.75
CA PRO D 67 45.74 0.96 -19.57
C PRO D 67 47.15 1.33 -19.11
N PRO D 68 47.36 2.62 -18.77
CA PRO D 68 48.68 3.08 -18.31
C PRO D 68 49.25 2.21 -17.17
N PRO D 69 50.53 2.42 -16.79
CA PRO D 69 51.08 1.61 -15.71
C PRO D 69 50.64 2.16 -14.35
N GLY D 70 50.47 1.26 -13.39
CA GLY D 70 50.03 1.68 -12.09
C GLY D 70 48.57 1.36 -11.99
N THR D 71 48.01 0.89 -13.10
CA THR D 71 46.61 0.51 -13.20
C THR D 71 46.26 -0.73 -12.37
N ALA D 72 45.19 -0.60 -11.60
CA ALA D 72 44.70 -1.67 -10.75
C ALA D 72 43.18 -1.64 -10.81
N ILE D 73 42.54 -2.57 -10.12
CA ILE D 73 41.09 -2.65 -10.08
C ILE D 73 40.57 -3.13 -8.73
N ARG D 74 39.62 -2.38 -8.18
CA ARG D 74 39.06 -2.64 -6.85
C ARG D 74 37.63 -3.18 -6.78
N ALA D 75 37.50 -4.42 -6.32
CA ALA D 75 36.18 -5.05 -6.16
C ALA D 75 35.63 -4.54 -4.84
N MET D 76 34.52 -3.82 -4.87
CA MET D 76 33.94 -3.31 -3.64
C MET D 76 32.44 -3.64 -3.46
N PRO D 77 32.04 -4.03 -2.25
CA PRO D 77 30.62 -4.36 -2.07
C PRO D 77 29.81 -3.21 -1.45
N VAL D 78 28.53 -3.12 -1.86
CA VAL D 78 27.57 -2.11 -1.41
C VAL D 78 26.17 -2.74 -1.24
N TYR D 79 25.41 -2.29 -0.25
CA TYR D 79 24.05 -2.81 -0.10
C TYR D 79 23.25 -2.02 -1.11
N LYS D 80 22.43 -2.71 -1.88
CA LYS D 80 21.65 -2.06 -2.92
C LYS D 80 20.57 -1.10 -2.45
N LYS D 81 19.67 -1.55 -1.58
CA LYS D 81 18.57 -0.67 -1.12
C LYS D 81 19.05 0.53 -0.29
N ALA D 82 18.57 1.70 -0.66
CA ALA D 82 18.95 2.94 0.01
C ALA D 82 18.95 2.98 1.54
N GLU D 83 18.43 1.95 2.21
CA GLU D 83 18.41 1.98 3.66
C GLU D 83 19.82 1.90 4.17
N HIS D 84 20.43 0.75 3.92
CA HIS D 84 21.76 0.50 4.40
C HIS D 84 22.88 0.76 3.39
N VAL D 85 22.63 1.66 2.44
CA VAL D 85 23.63 2.02 1.44
C VAL D 85 24.83 2.59 2.20
N THR D 86 24.53 3.40 3.20
CA THR D 86 25.55 3.99 4.03
C THR D 86 26.20 2.81 4.71
N ASP D 87 25.54 2.26 5.72
CA ASP D 87 26.10 1.12 6.46
C ASP D 87 26.99 0.35 5.51
N VAL D 88 28.23 0.15 5.94
CA VAL D 88 29.18 -0.55 5.13
C VAL D 88 29.03 -2.05 5.20
N VAL D 89 29.40 -2.69 4.11
CA VAL D 89 29.35 -4.14 3.97
C VAL D 89 30.60 -4.70 4.63
N LYS D 90 30.43 -5.68 5.52
CA LYS D 90 31.56 -6.29 6.22
C LYS D 90 31.23 -7.71 6.56
N ARG D 91 32.20 -8.48 7.00
CA ARG D 91 31.94 -9.89 7.37
C ARG D 91 31.15 -10.03 8.67
N CYS D 92 30.23 -10.99 8.70
CA CYS D 92 29.41 -11.21 9.88
C CYS D 92 30.29 -11.64 11.06
N PRO D 93 29.93 -11.19 12.27
CA PRO D 93 30.68 -11.54 13.47
C PRO D 93 31.15 -12.97 13.47
N ASN D 94 30.19 -13.87 13.32
CA ASN D 94 30.49 -15.28 13.32
C ASN D 94 31.70 -15.65 12.44
N HIS D 95 31.56 -15.53 11.12
CA HIS D 95 32.65 -15.86 10.20
C HIS D 95 33.98 -15.17 10.49
N GLU D 96 33.92 -13.85 10.57
CA GLU D 96 35.09 -13.03 10.84
C GLU D 96 35.88 -13.79 11.89
N LEU D 97 35.25 -13.94 13.05
CA LEU D 97 35.82 -14.65 14.19
C LEU D 97 36.23 -16.08 13.77
N GLY D 98 35.23 -16.87 13.37
CA GLY D 98 35.40 -18.25 12.93
C GLY D 98 36.72 -18.80 12.42
N ARG D 99 37.27 -19.74 13.20
CA ARG D 99 38.54 -20.40 12.93
C ARG D 99 38.82 -20.76 11.47
N ASP D 100 37.83 -21.35 10.80
CA ASP D 100 37.94 -21.76 9.40
C ASP D 100 37.99 -20.62 8.40
N PHE D 101 38.53 -20.90 7.21
CA PHE D 101 38.64 -19.89 6.17
C PHE D 101 39.13 -18.60 6.82
N ASN D 102 39.89 -18.76 7.91
CA ASN D 102 40.41 -17.62 8.62
C ASN D 102 41.83 -17.89 9.03
N GLU D 103 41.99 -18.95 9.81
CA GLU D 103 43.30 -19.37 10.32
C GLU D 103 44.27 -19.61 9.17
N GLY D 104 45.53 -19.27 9.39
CA GLY D 104 46.51 -19.43 8.34
C GLY D 104 46.33 -18.35 7.30
N GLN D 105 45.09 -18.08 6.89
CA GLN D 105 44.82 -17.06 5.88
C GLN D 105 45.04 -15.61 6.30
N SER D 106 46.09 -15.01 5.75
CA SER D 106 46.49 -13.63 6.02
C SER D 106 45.41 -12.60 5.73
N ALA D 107 44.71 -12.77 4.61
CA ALA D 107 43.64 -11.86 4.20
C ALA D 107 42.80 -11.51 5.40
N PRO D 108 42.57 -10.21 5.63
CA PRO D 108 41.77 -9.76 6.78
C PRO D 108 40.47 -10.51 7.04
N ALA D 109 40.34 -10.97 8.29
CA ALA D 109 39.17 -11.73 8.76
C ALA D 109 37.92 -10.89 8.64
N SER D 110 38.12 -9.58 8.79
CA SER D 110 37.05 -8.61 8.73
C SER D 110 36.30 -8.48 7.39
N HIS D 111 37.01 -8.40 6.27
CA HIS D 111 36.34 -8.20 4.98
C HIS D 111 35.45 -9.29 4.39
N LEU D 112 34.83 -8.95 3.27
CA LEU D 112 33.91 -9.82 2.55
C LEU D 112 34.45 -10.34 1.22
N ILE D 113 35.20 -9.50 0.53
CA ILE D 113 35.79 -9.91 -0.76
C ILE D 113 37.28 -10.26 -0.65
N ARG D 114 37.63 -11.50 -0.93
CA ARG D 114 39.03 -11.91 -0.88
C ARG D 114 39.42 -12.23 -2.32
N VAL D 115 40.72 -12.23 -2.63
CA VAL D 115 41.19 -12.58 -3.97
C VAL D 115 42.14 -13.76 -3.87
N GLU D 116 41.58 -14.95 -3.76
CA GLU D 116 42.40 -16.14 -3.68
C GLU D 116 43.05 -16.20 -5.05
N GLY D 117 44.37 -16.32 -5.08
CA GLY D 117 45.04 -16.38 -6.37
C GLY D 117 46.28 -15.52 -6.39
N ASN D 118 46.11 -14.23 -6.63
CA ASN D 118 47.25 -13.33 -6.65
C ASN D 118 47.70 -13.07 -5.24
N ASN D 119 48.97 -13.30 -4.94
CA ASN D 119 49.44 -13.07 -3.59
C ASN D 119 49.56 -11.57 -3.34
N LEU D 120 49.97 -10.85 -4.38
CA LEU D 120 50.11 -9.43 -4.28
C LEU D 120 48.78 -8.73 -4.07
N SER D 121 47.69 -9.39 -4.42
CA SER D 121 46.36 -8.81 -4.26
C SER D 121 46.33 -8.16 -2.89
N GLN D 122 46.18 -6.82 -2.86
CA GLN D 122 46.18 -6.02 -1.62
C GLN D 122 44.81 -5.55 -1.17
N TYR D 123 44.48 -5.80 0.09
CA TYR D 123 43.19 -5.37 0.62
C TYR D 123 43.30 -3.91 1.01
N VAL D 124 42.20 -3.34 1.47
CA VAL D 124 42.19 -1.96 1.91
C VAL D 124 41.10 -1.88 2.93
N ASP D 125 41.23 -0.94 3.85
CA ASP D 125 40.26 -0.79 4.91
C ASP D 125 40.13 0.70 5.15
N ASP D 126 40.18 1.46 4.06
CA ASP D 126 40.17 2.92 4.14
C ASP D 126 39.59 3.48 5.43
N PRO D 127 40.38 4.32 6.12
CA PRO D 127 40.08 5.00 7.37
C PRO D 127 39.14 6.18 7.18
N VAL D 128 39.31 6.80 6.01
CA VAL D 128 38.52 7.95 5.60
C VAL D 128 37.03 7.61 5.61
N THR D 129 36.68 6.46 5.03
CA THR D 129 35.29 6.01 4.96
C THR D 129 35.02 4.78 5.81
N GLY D 130 35.73 3.70 5.50
CA GLY D 130 35.58 2.44 6.22
C GLY D 130 35.38 1.33 5.22
N ARG D 131 34.89 1.74 4.06
CA ARG D 131 34.60 0.82 2.97
C ARG D 131 35.83 0.00 2.57
N GLN D 132 36.02 -1.12 3.25
CA GLN D 132 37.12 -2.03 2.96
C GLN D 132 36.92 -2.63 1.57
N SER D 133 37.92 -3.33 1.02
CA SER D 133 37.80 -3.95 -0.31
C SER D 133 39.07 -4.72 -0.72
N VAL D 134 39.19 -5.05 -2.01
CA VAL D 134 40.37 -5.76 -2.55
C VAL D 134 40.83 -5.20 -3.90
N VAL D 135 42.14 -5.17 -4.09
CA VAL D 135 42.77 -4.62 -5.28
C VAL D 135 43.92 -5.49 -5.76
N VAL D 136 44.29 -5.28 -7.02
CA VAL D 136 45.44 -5.90 -7.66
C VAL D 136 45.61 -5.10 -8.95
N PRO D 137 46.86 -4.88 -9.40
CA PRO D 137 47.06 -4.10 -10.62
C PRO D 137 46.75 -4.89 -11.90
N TYR D 138 46.29 -4.16 -12.91
CA TYR D 138 45.90 -4.73 -14.19
C TYR D 138 46.95 -5.60 -14.87
N GLU D 139 46.68 -6.90 -14.93
CA GLU D 139 47.59 -7.82 -15.60
C GLU D 139 47.06 -7.99 -17.03
N PRO D 140 47.81 -7.57 -18.07
CA PRO D 140 47.21 -7.80 -19.40
C PRO D 140 47.02 -9.31 -19.62
N PRO D 141 46.07 -9.70 -20.49
CA PRO D 141 45.87 -11.13 -20.74
C PRO D 141 47.18 -11.63 -21.34
N GLN D 142 47.75 -12.72 -20.82
CA GLN D 142 49.06 -13.20 -21.29
C GLN D 142 49.35 -13.57 -22.76
N VAL D 143 48.48 -14.35 -23.39
CA VAL D 143 48.77 -14.82 -24.75
C VAL D 143 48.35 -13.99 -25.98
N GLY D 144 47.79 -12.80 -25.77
CA GLY D 144 47.35 -11.97 -26.89
C GLY D 144 46.06 -11.22 -26.61
N THR D 145 45.05 -11.34 -27.47
CA THR D 145 43.76 -10.67 -27.22
C THR D 145 42.85 -11.57 -26.37
N GLU D 146 43.36 -11.85 -25.18
CA GLU D 146 42.67 -12.66 -24.18
C GLU D 146 41.98 -11.67 -23.23
N PHE D 147 41.36 -12.19 -22.16
CA PHE D 147 40.71 -11.31 -21.18
C PHE D 147 41.28 -11.64 -19.80
N THR D 148 41.75 -10.61 -19.10
CA THR D 148 42.31 -10.79 -17.78
C THR D 148 41.15 -11.25 -16.88
N THR D 149 41.37 -12.33 -16.13
CA THR D 149 40.34 -12.88 -15.24
C THR D 149 40.83 -12.94 -13.81
N ILE D 150 39.97 -12.61 -12.86
CA ILE D 150 40.34 -12.64 -11.44
C ILE D 150 39.57 -13.70 -10.66
N LEU D 151 40.20 -14.29 -9.65
CA LEU D 151 39.52 -15.27 -8.82
C LEU D 151 39.08 -14.55 -7.55
N TYR D 152 37.77 -14.56 -7.30
CA TYR D 152 37.18 -13.95 -6.11
C TYR D 152 36.48 -15.03 -5.29
N ASN D 153 36.20 -14.74 -4.05
CA ASN D 153 35.50 -15.70 -3.22
C ASN D 153 35.03 -14.85 -2.08
N PHE D 154 33.80 -15.15 -1.64
CA PHE D 154 33.11 -14.37 -0.63
C PHE D 154 33.01 -15.07 0.73
N MET D 155 33.47 -14.39 1.77
CA MET D 155 33.50 -14.95 3.11
C MET D 155 32.25 -14.89 4.00
N CYS D 156 31.07 -14.76 3.42
CA CYS D 156 29.84 -14.70 4.23
C CYS D 156 28.65 -14.69 3.30
N ASN D 157 27.70 -15.60 3.48
CA ASN D 157 26.51 -15.62 2.63
C ASN D 157 25.78 -14.30 2.79
N SER D 158 24.81 -14.04 1.90
CA SER D 158 24.02 -12.80 1.97
C SER D 158 23.07 -12.98 3.13
N SER D 159 22.84 -14.24 3.47
CA SER D 159 21.97 -14.60 4.57
C SER D 159 22.65 -14.31 5.92
N CYS D 160 23.98 -14.45 5.99
CA CYS D 160 24.76 -14.21 7.23
C CYS D 160 24.09 -13.13 8.06
N VAL D 161 23.80 -13.45 9.32
CA VAL D 161 23.13 -12.48 10.17
C VAL D 161 24.14 -11.63 10.90
N GLY D 162 23.78 -10.37 11.12
CA GLY D 162 24.68 -9.44 11.77
C GLY D 162 25.67 -9.04 10.70
N GLY D 163 25.61 -9.76 9.58
CA GLY D 163 26.50 -9.45 8.49
C GLY D 163 25.73 -8.62 7.50
N MET D 164 25.72 -9.08 6.26
CA MET D 164 24.98 -8.39 5.23
C MET D 164 23.57 -8.39 5.75
N ASN D 165 23.20 -9.54 6.31
CA ASN D 165 21.90 -9.76 6.92
C ASN D 165 20.74 -9.73 5.93
N ARG D 166 20.81 -10.62 4.95
CA ARG D 166 19.78 -10.77 3.92
C ARG D 166 19.59 -9.53 3.06
N ARG D 167 20.21 -8.42 3.44
CA ARG D 167 20.07 -7.22 2.64
C ARG D 167 20.75 -7.43 1.30
N PRO D 168 20.02 -7.26 0.19
CA PRO D 168 20.57 -7.44 -1.16
C PRO D 168 21.74 -6.48 -1.43
N ILE D 169 22.92 -7.04 -1.69
CA ILE D 169 24.09 -6.21 -1.93
C ILE D 169 24.43 -6.19 -3.42
N LEU D 170 25.31 -5.28 -3.82
CA LEU D 170 25.70 -5.22 -5.20
C LEU D 170 27.21 -4.88 -5.24
N ILE D 171 27.90 -5.33 -6.28
CA ILE D 171 29.34 -5.13 -6.40
C ILE D 171 29.85 -4.04 -7.36
N ILE D 172 30.81 -3.25 -6.89
CA ILE D 172 31.39 -2.20 -7.71
C ILE D 172 32.90 -2.42 -7.95
N ILE D 173 33.19 -2.93 -9.15
CA ILE D 173 34.54 -3.22 -9.64
C ILE D 173 35.09 -1.97 -10.32
N THR D 174 36.18 -1.42 -9.81
CA THR D 174 36.71 -0.21 -10.41
C THR D 174 38.08 -0.27 -11.02
N LEU D 175 38.12 0.09 -12.30
CA LEU D 175 39.38 0.16 -13.04
C LEU D 175 39.93 1.49 -12.55
N GLU D 176 41.12 1.47 -11.96
CA GLU D 176 41.64 2.73 -11.44
C GLU D 176 43.07 3.10 -11.83
N MET D 177 43.36 4.37 -11.55
CA MET D 177 44.63 5.00 -11.80
C MET D 177 45.74 4.26 -11.08
N ARG D 178 46.93 4.85 -11.13
CA ARG D 178 48.07 4.29 -10.45
C ARG D 178 47.95 4.84 -9.02
N ASP D 179 47.22 5.95 -8.91
CA ASP D 179 46.98 6.63 -7.64
C ASP D 179 45.69 6.19 -6.95
N GLY D 180 44.56 6.63 -7.50
CA GLY D 180 43.28 6.27 -6.92
C GLY D 180 42.14 6.62 -7.87
N GLN D 181 42.46 7.43 -8.86
CA GLN D 181 41.49 7.88 -9.86
C GLN D 181 40.85 6.69 -10.58
N VAL D 182 39.65 6.90 -11.13
CA VAL D 182 38.94 5.83 -11.84
C VAL D 182 38.67 6.16 -13.32
N LEU D 183 39.07 5.22 -14.18
CA LEU D 183 38.94 5.36 -15.63
C LEU D 183 37.83 4.50 -16.20
N GLY D 184 37.00 3.91 -15.33
CA GLY D 184 35.93 3.06 -15.80
C GLY D 184 35.56 1.98 -14.79
N ARG D 185 34.26 1.74 -14.63
CA ARG D 185 33.82 0.72 -13.68
C ARG D 185 32.43 0.12 -13.92
N ARG D 186 32.38 -1.19 -13.77
CA ARG D 186 31.17 -1.96 -13.95
C ARG D 186 30.66 -2.45 -12.60
N SER D 187 29.36 -2.66 -12.52
CA SER D 187 28.75 -3.10 -11.29
C SER D 187 27.64 -4.05 -11.62
N PHE D 188 27.11 -4.67 -10.58
CA PHE D 188 26.03 -5.64 -10.71
C PHE D 188 25.70 -6.15 -9.32
N GLU D 189 24.53 -6.76 -9.18
CA GLU D 189 24.16 -7.27 -7.88
C GLU D 189 24.71 -8.68 -7.80
N GLY D 190 24.68 -9.22 -6.58
CA GLY D 190 25.16 -10.56 -6.34
C GLY D 190 24.43 -11.07 -5.13
N ARG D 191 24.53 -12.36 -4.86
CA ARG D 191 23.83 -12.93 -3.72
C ARG D 191 24.53 -14.20 -3.35
N ILE D 192 24.92 -14.32 -2.08
CA ILE D 192 25.59 -15.54 -1.65
C ILE D 192 24.53 -16.54 -1.19
N CYS D 193 24.42 -17.64 -1.94
CA CYS D 193 23.45 -18.70 -1.67
C CYS D 193 24.19 -20.03 -1.58
N ALA D 194 23.68 -20.93 -0.74
CA ALA D 194 24.30 -22.26 -0.56
C ALA D 194 24.06 -23.02 -1.83
N CYS D 195 22.87 -22.85 -2.39
CA CYS D 195 22.58 -23.48 -3.65
C CYS D 195 22.20 -22.43 -4.67
N PRO D 196 23.20 -21.70 -5.20
CA PRO D 196 22.89 -20.68 -6.20
C PRO D 196 22.44 -21.52 -7.37
N GLY D 197 21.39 -21.08 -8.04
CA GLY D 197 20.89 -21.86 -9.15
C GLY D 197 19.46 -22.15 -8.82
N ARG D 198 19.22 -23.00 -7.82
CA ARG D 198 17.86 -23.32 -7.40
C ARG D 198 17.21 -21.98 -7.03
N ASP D 199 18.08 -21.00 -6.74
CA ASP D 199 17.68 -19.64 -6.38
C ASP D 199 17.54 -18.77 -7.62
N ARG D 200 18.49 -18.87 -8.54
CA ARG D 200 18.38 -18.11 -9.76
C ARG D 200 17.15 -18.63 -10.50
N LYS D 201 17.05 -19.95 -10.58
CA LYS D 201 15.92 -20.64 -11.22
C LYS D 201 14.60 -20.16 -10.61
N ALA D 202 14.60 -19.98 -9.30
CA ALA D 202 13.41 -19.54 -8.62
C ALA D 202 13.18 -18.10 -8.97
N ASP D 203 14.25 -17.31 -8.96
CA ASP D 203 14.18 -15.87 -9.28
C ASP D 203 13.55 -15.58 -10.63
N GLU D 204 14.15 -16.11 -11.70
CA GLU D 204 13.64 -15.88 -13.04
C GLU D 204 12.18 -16.32 -13.14
N ASP D 205 11.96 -17.62 -13.00
CA ASP D 205 10.63 -18.22 -13.06
C ASP D 205 9.59 -17.41 -12.28
N HIS D 206 9.94 -17.01 -11.05
CA HIS D 206 9.07 -16.20 -10.20
C HIS D 206 8.63 -14.97 -10.97
N TYR D 207 9.60 -14.18 -11.44
CA TYR D 207 9.25 -12.98 -12.17
C TYR D 207 9.75 -12.90 -13.61
N ARG D 208 8.80 -13.14 -14.52
CA ARG D 208 9.02 -13.13 -15.97
C ARG D 208 9.87 -14.31 -16.41
N HIS E 9 -8.85 -16.46 -22.12
CA HIS E 9 -9.78 -15.45 -21.53
C HIS E 9 -11.22 -15.90 -21.68
N HIS E 10 -12.15 -14.94 -21.75
CA HIS E 10 -13.56 -15.24 -21.89
C HIS E 10 -13.85 -15.72 -23.32
N GLU E 11 -14.88 -16.56 -23.47
CA GLU E 11 -15.27 -17.12 -24.79
C GLU E 11 -16.36 -16.26 -25.50
N PHE E 12 -16.05 -15.78 -26.71
CA PHE E 12 -16.95 -14.91 -27.49
C PHE E 12 -18.16 -15.60 -28.09
N ILE E 13 -19.32 -15.03 -27.83
CA ILE E 13 -20.61 -15.54 -28.32
C ILE E 13 -21.51 -14.38 -28.79
N PRO E 14 -20.99 -13.48 -29.64
CA PRO E 14 -21.79 -12.36 -30.09
C PRO E 14 -22.60 -12.65 -31.34
N SER E 15 -23.83 -12.15 -31.36
CA SER E 15 -24.71 -12.35 -32.49
C SER E 15 -25.13 -11.01 -33.11
N ASN E 16 -24.69 -10.80 -34.36
CA ASN E 16 -24.93 -9.57 -35.11
C ASN E 16 -25.89 -9.69 -36.30
N THR E 17 -25.95 -10.86 -36.93
CA THR E 17 -26.83 -11.03 -38.09
C THR E 17 -28.16 -10.31 -37.89
N ASP E 18 -28.49 -9.45 -38.84
CA ASP E 18 -29.70 -8.67 -38.76
C ASP E 18 -30.90 -9.58 -38.73
N TYR E 19 -31.68 -9.46 -37.65
CA TYR E 19 -32.90 -10.24 -37.42
C TYR E 19 -34.12 -9.34 -37.28
N PRO E 20 -35.03 -9.34 -38.27
CA PRO E 20 -36.20 -8.48 -38.15
C PRO E 20 -37.20 -9.04 -37.19
N GLY E 21 -37.26 -10.36 -37.14
CA GLY E 21 -38.18 -11.02 -36.23
C GLY E 21 -39.65 -10.88 -36.62
N PRO E 22 -40.55 -11.70 -36.03
CA PRO E 22 -41.99 -11.67 -36.31
C PRO E 22 -42.64 -10.30 -36.27
N HIS E 23 -42.30 -9.51 -35.26
CA HIS E 23 -42.91 -8.21 -35.14
C HIS E 23 -42.32 -7.14 -36.03
N HIS E 24 -41.42 -7.54 -36.92
CA HIS E 24 -40.76 -6.62 -37.85
C HIS E 24 -40.02 -5.50 -37.13
N PHE E 25 -39.36 -5.89 -36.03
CA PHE E 25 -38.58 -5.02 -35.17
C PHE E 25 -37.62 -4.24 -36.07
N GLU E 26 -37.88 -2.95 -36.22
CA GLU E 26 -37.04 -2.08 -37.06
C GLU E 26 -36.33 -1.07 -36.17
N VAL E 27 -35.04 -0.86 -36.39
CA VAL E 27 -34.35 0.15 -35.61
C VAL E 27 -33.92 1.23 -36.60
N THR E 28 -34.27 2.48 -36.28
CA THR E 28 -33.94 3.59 -37.16
C THR E 28 -33.63 4.89 -36.45
N PHE E 29 -33.04 5.83 -37.17
CA PHE E 29 -32.67 7.13 -36.61
C PHE E 29 -33.46 8.27 -37.23
N GLN E 30 -33.55 9.38 -36.49
CA GLN E 30 -34.25 10.57 -36.95
C GLN E 30 -33.30 11.46 -37.73
N GLN E 31 -33.26 11.28 -39.06
CA GLN E 31 -32.40 12.08 -39.91
C GLN E 31 -32.75 13.54 -39.68
N SER E 32 -31.72 14.38 -39.62
CA SER E 32 -31.89 15.81 -39.38
C SER E 32 -31.84 16.69 -40.64
N SER E 33 -32.33 17.92 -40.50
CA SER E 33 -32.38 18.91 -41.58
C SER E 33 -31.01 19.24 -42.21
N THR E 34 -29.97 19.26 -41.35
CA THR E 34 -28.58 19.59 -41.74
C THR E 34 -27.61 18.45 -41.34
N ALA E 35 -26.36 18.55 -41.82
CA ALA E 35 -25.34 17.54 -41.52
C ALA E 35 -24.23 18.01 -40.58
N LYS E 36 -24.19 19.30 -40.21
CA LYS E 36 -23.16 19.74 -39.29
C LYS E 36 -23.58 19.19 -37.94
N SER E 37 -22.59 18.97 -37.07
CA SER E 37 -22.81 18.33 -35.78
C SER E 37 -23.66 18.90 -34.63
N ALA E 38 -24.86 18.31 -34.54
CA ALA E 38 -25.76 18.35 -33.42
C ALA E 38 -25.10 17.27 -32.60
N THR E 39 -25.45 17.11 -31.33
CA THR E 39 -24.66 16.17 -30.55
C THR E 39 -24.25 14.97 -31.41
N TRP E 40 -25.16 14.50 -32.27
CA TRP E 40 -24.92 13.32 -33.10
C TRP E 40 -25.47 13.43 -34.50
N THR E 41 -25.20 12.42 -35.29
CA THR E 41 -25.68 12.32 -36.67
C THR E 41 -25.51 10.89 -37.15
N TYR E 42 -26.43 10.47 -38.01
CA TYR E 42 -26.42 9.10 -38.53
C TYR E 42 -26.37 9.07 -40.04
N SER E 43 -25.44 8.29 -40.60
CA SER E 43 -25.32 8.15 -42.06
C SER E 43 -26.18 6.99 -42.44
N PRO E 44 -26.96 7.16 -43.50
CA PRO E 44 -27.80 6.04 -43.87
C PRO E 44 -27.02 5.35 -44.98
N LEU E 45 -26.16 6.14 -45.60
CA LEU E 45 -25.31 5.68 -46.67
C LEU E 45 -24.54 4.50 -46.14
N LEU E 46 -24.07 4.65 -44.91
CA LEU E 46 -23.33 3.62 -44.17
C LEU E 46 -24.02 3.51 -42.80
N LYS E 47 -24.11 2.31 -42.27
CA LYS E 47 -24.76 2.13 -40.99
C LYS E 47 -23.82 2.58 -39.88
N LYS E 48 -23.63 3.90 -39.83
CA LYS E 48 -22.77 4.52 -38.82
C LYS E 48 -23.39 5.72 -38.09
N LEU E 49 -23.49 5.58 -36.78
CA LEU E 49 -24.02 6.64 -35.94
C LEU E 49 -22.78 7.43 -35.56
N TYR E 50 -22.96 8.68 -35.14
CA TYR E 50 -21.81 9.51 -34.76
C TYR E 50 -21.88 10.36 -33.46
N CYS E 51 -22.75 9.97 -32.53
CA CYS E 51 -22.89 10.65 -31.27
C CYS E 51 -21.59 11.29 -30.71
N GLN E 52 -21.70 12.53 -30.22
CA GLN E 52 -20.56 13.23 -29.62
C GLN E 52 -20.50 12.60 -28.22
N ILE E 53 -19.34 12.10 -27.79
CA ILE E 53 -19.26 11.41 -26.49
C ILE E 53 -20.09 11.93 -25.32
N ALA E 54 -20.57 10.98 -24.53
CA ALA E 54 -21.35 11.26 -23.34
C ALA E 54 -22.60 12.09 -23.57
N LYS E 55 -22.84 12.57 -24.78
CA LYS E 55 -24.03 13.38 -24.98
C LYS E 55 -25.26 12.60 -25.39
N THR E 56 -26.38 13.32 -25.45
CA THR E 56 -27.71 12.77 -25.78
C THR E 56 -27.77 12.12 -27.14
N CYS E 57 -28.23 10.88 -27.17
CA CYS E 57 -28.34 10.18 -28.44
C CYS E 57 -29.63 9.40 -28.47
N PRO E 58 -30.45 9.65 -29.50
CA PRO E 58 -31.74 8.99 -29.66
C PRO E 58 -31.77 7.91 -30.73
N ILE E 59 -32.54 6.86 -30.46
CA ILE E 59 -32.72 5.79 -31.43
C ILE E 59 -34.20 5.42 -31.48
N GLN E 60 -34.81 5.61 -32.64
CA GLN E 60 -36.24 5.32 -32.84
C GLN E 60 -36.51 3.82 -33.10
N ILE E 61 -37.73 3.36 -32.83
CA ILE E 61 -38.09 1.94 -33.01
C ILE E 61 -39.49 1.61 -33.57
N LYS E 62 -39.55 0.79 -34.62
CA LYS E 62 -40.85 0.40 -35.16
C LYS E 62 -41.13 -1.07 -34.84
N VAL E 63 -42.25 -1.56 -35.36
CA VAL E 63 -42.69 -2.94 -35.18
C VAL E 63 -43.99 -3.11 -35.96
N SER E 64 -44.60 -4.28 -35.82
CA SER E 64 -45.85 -4.57 -36.51
C SER E 64 -46.79 -5.27 -35.54
N THR E 65 -46.22 -6.09 -34.66
CA THR E 65 -46.99 -6.86 -33.70
C THR E 65 -46.57 -6.39 -32.29
N PRO E 66 -47.50 -6.40 -31.32
CA PRO E 66 -47.16 -5.97 -29.96
C PRO E 66 -46.19 -6.97 -29.35
N PRO E 67 -45.30 -6.50 -28.48
CA PRO E 67 -44.30 -7.33 -27.81
C PRO E 67 -44.88 -8.25 -26.74
N PRO E 68 -44.54 -9.54 -26.79
CA PRO E 68 -45.04 -10.48 -25.79
C PRO E 68 -44.47 -9.94 -24.48
N PRO E 69 -45.33 -9.42 -23.58
CA PRO E 69 -44.90 -8.86 -22.29
C PRO E 69 -43.82 -9.68 -21.56
N GLY E 70 -42.79 -8.97 -21.12
CA GLY E 70 -41.67 -9.60 -20.45
C GLY E 70 -40.52 -9.29 -21.39
N THR E 71 -40.87 -8.45 -22.36
CA THR E 71 -39.98 -8.01 -23.42
C THR E 71 -39.17 -6.74 -23.10
N ALA E 72 -37.88 -6.84 -23.39
CA ALA E 72 -36.93 -5.77 -23.17
C ALA E 72 -36.17 -5.50 -24.46
N ILE E 73 -35.43 -4.40 -24.44
CA ILE E 73 -34.64 -3.96 -25.58
C ILE E 73 -33.19 -3.86 -25.11
N ARG E 74 -32.38 -4.85 -25.49
CA ARG E 74 -30.99 -4.88 -25.07
C ARG E 74 -30.00 -4.28 -26.05
N ALA E 75 -29.28 -3.26 -25.61
CA ALA E 75 -28.29 -2.61 -26.45
C ALA E 75 -26.89 -2.87 -25.93
N MET E 76 -26.11 -3.65 -26.69
CA MET E 76 -24.74 -4.01 -26.35
C MET E 76 -23.78 -3.67 -27.47
N PRO E 77 -22.51 -3.43 -27.14
CA PRO E 77 -21.54 -3.10 -28.18
C PRO E 77 -20.58 -4.24 -28.52
N VAL E 78 -19.95 -4.18 -29.70
CA VAL E 78 -18.97 -5.18 -30.14
C VAL E 78 -17.90 -4.56 -31.02
N TYR E 79 -16.69 -5.11 -30.95
CA TYR E 79 -15.64 -4.59 -31.82
C TYR E 79 -15.97 -5.18 -33.18
N LYS E 80 -15.92 -4.35 -34.22
CA LYS E 80 -16.24 -4.82 -35.56
C LYS E 80 -15.14 -5.67 -36.19
N LYS E 81 -13.91 -5.16 -36.17
CA LYS E 81 -12.78 -5.88 -36.75
C LYS E 81 -12.67 -7.31 -36.20
N ALA E 82 -12.76 -8.28 -37.11
CA ALA E 82 -12.70 -9.68 -36.74
C ALA E 82 -11.52 -10.02 -35.84
N GLU E 83 -10.34 -9.48 -36.16
CA GLU E 83 -9.16 -9.75 -35.37
C GLU E 83 -9.52 -9.82 -33.89
N HIS E 84 -9.94 -8.70 -33.32
CA HIS E 84 -10.32 -8.71 -31.92
C HIS E 84 -11.80 -8.48 -31.66
N VAL E 85 -12.63 -9.42 -32.11
CA VAL E 85 -14.09 -9.36 -31.91
C VAL E 85 -14.36 -10.11 -30.60
N THR E 86 -13.50 -11.09 -30.34
CA THR E 86 -13.55 -11.90 -29.12
C THR E 86 -13.68 -10.93 -27.97
N ASP E 87 -12.79 -9.95 -28.04
CA ASP E 87 -12.65 -8.88 -27.10
C ASP E 87 -13.93 -8.25 -26.57
N VAL E 88 -14.00 -8.15 -25.25
CA VAL E 88 -15.15 -7.54 -24.60
C VAL E 88 -15.05 -6.09 -25.02
N VAL E 89 -16.08 -5.32 -24.69
CA VAL E 89 -16.04 -3.91 -25.02
C VAL E 89 -16.37 -3.14 -23.75
N LYS E 90 -15.39 -2.41 -23.24
CA LYS E 90 -15.63 -1.65 -22.03
C LYS E 90 -15.19 -0.21 -22.16
N ARG E 91 -15.08 0.48 -21.04
CA ARG E 91 -14.71 1.88 -21.04
C ARG E 91 -13.21 2.05 -20.80
N CYS E 92 -12.61 3.06 -21.43
CA CYS E 92 -11.18 3.31 -21.22
C CYS E 92 -11.04 3.36 -19.69
N PRO E 93 -9.89 2.91 -19.15
CA PRO E 93 -9.75 2.92 -17.68
C PRO E 93 -9.97 4.27 -17.03
N ASN E 94 -9.37 5.29 -17.64
CA ASN E 94 -9.48 6.60 -17.06
C ASN E 94 -10.95 7.01 -16.90
N HIS E 95 -11.69 7.13 -18.00
CA HIS E 95 -13.09 7.48 -17.90
C HIS E 95 -13.76 6.55 -16.90
N GLU E 96 -13.46 5.27 -17.02
CA GLU E 96 -14.03 4.29 -16.11
C GLU E 96 -13.82 4.83 -14.72
N LEU E 97 -12.57 4.82 -14.27
CA LEU E 97 -12.27 5.32 -12.94
C LEU E 97 -12.57 6.81 -12.74
N GLY E 98 -12.58 7.54 -13.84
CA GLY E 98 -12.82 8.98 -13.81
C GLY E 98 -13.98 9.52 -12.98
N ARG E 99 -13.70 10.63 -12.31
CA ARG E 99 -14.63 11.33 -11.44
C ARG E 99 -15.89 11.82 -12.13
N ASP E 100 -15.71 12.80 -12.99
CA ASP E 100 -16.79 13.49 -13.68
C ASP E 100 -18.04 12.82 -14.23
N PHE E 101 -18.16 11.51 -14.11
CA PHE E 101 -19.39 10.91 -14.59
C PHE E 101 -19.92 9.89 -13.61
N ASN E 102 -19.04 9.11 -13.00
CA ASN E 102 -19.55 8.16 -12.03
C ASN E 102 -19.95 8.97 -10.82
N GLU E 103 -19.38 10.17 -10.71
CA GLU E 103 -19.71 11.03 -9.59
C GLU E 103 -21.24 11.14 -9.59
N GLY E 104 -21.86 10.59 -8.55
CA GLY E 104 -23.32 10.62 -8.45
C GLY E 104 -23.98 9.82 -9.57
N GLN E 105 -23.36 8.73 -9.99
CA GLN E 105 -23.94 7.93 -11.04
C GLN E 105 -24.09 6.45 -10.75
N SER E 106 -25.35 6.06 -10.57
CA SER E 106 -25.73 4.68 -10.31
C SER E 106 -25.20 3.77 -11.44
N ALA E 107 -25.07 4.35 -12.64
CA ALA E 107 -24.58 3.63 -13.80
C ALA E 107 -23.16 3.25 -13.49
N PRO E 108 -22.76 2.03 -13.85
CA PRO E 108 -21.41 1.52 -13.62
C PRO E 108 -20.43 2.22 -14.56
N ALA E 109 -19.35 2.75 -14.00
CA ALA E 109 -18.37 3.46 -14.82
C ALA E 109 -17.63 2.58 -15.84
N SER E 110 -17.79 1.27 -15.72
CA SER E 110 -17.16 0.34 -16.65
C SER E 110 -17.89 0.34 -17.99
N HIS E 111 -19.22 0.19 -17.95
CA HIS E 111 -20.02 0.16 -19.16
C HIS E 111 -19.77 1.41 -20.03
N LEU E 112 -19.98 1.25 -21.34
CA LEU E 112 -19.78 2.36 -22.27
C LEU E 112 -21.11 2.86 -22.76
N ILE E 113 -22.12 2.00 -22.68
CA ILE E 113 -23.46 2.36 -23.12
C ILE E 113 -24.36 2.62 -21.90
N ARG E 114 -25.12 3.71 -21.92
CA ARG E 114 -26.01 4.03 -20.81
C ARG E 114 -27.38 4.43 -21.33
N VAL E 115 -28.36 4.48 -20.43
CA VAL E 115 -29.69 4.94 -20.81
C VAL E 115 -29.94 6.17 -19.94
N GLU E 116 -29.75 7.33 -20.56
CA GLU E 116 -29.92 8.59 -19.88
C GLU E 116 -31.25 8.66 -19.16
N GLY E 117 -32.30 8.83 -19.97
CA GLY E 117 -33.67 8.97 -19.48
C GLY E 117 -34.38 8.03 -18.53
N ASN E 118 -34.27 6.71 -18.70
CA ASN E 118 -35.01 5.82 -17.81
C ASN E 118 -34.43 5.76 -16.41
N ASN E 119 -35.34 5.82 -15.45
CA ASN E 119 -35.00 5.78 -14.04
C ASN E 119 -34.74 4.33 -13.70
N LEU E 120 -35.10 3.44 -14.61
CA LEU E 120 -34.89 2.02 -14.38
C LEU E 120 -34.23 1.41 -15.61
N SER E 121 -33.05 0.84 -15.41
CA SER E 121 -32.31 0.18 -16.48
C SER E 121 -31.33 -0.78 -15.81
N GLN E 122 -30.96 -1.86 -16.49
CA GLN E 122 -30.07 -2.84 -15.88
C GLN E 122 -28.70 -3.06 -16.48
N TYR E 123 -27.78 -2.12 -16.28
CA TYR E 123 -26.44 -2.31 -16.80
C TYR E 123 -26.06 -3.73 -16.45
N VAL E 124 -25.66 -4.54 -17.43
CA VAL E 124 -25.34 -5.93 -17.12
C VAL E 124 -23.95 -6.44 -17.46
N ASP E 125 -23.40 -7.20 -16.53
CA ASP E 125 -22.10 -7.83 -16.67
C ASP E 125 -22.42 -9.30 -16.67
N ASP E 126 -22.49 -9.88 -17.85
CA ASP E 126 -22.84 -11.28 -17.96
C ASP E 126 -21.82 -12.12 -17.20
N PRO E 127 -22.30 -12.88 -16.20
CA PRO E 127 -21.43 -13.74 -15.38
C PRO E 127 -20.92 -14.84 -16.29
N VAL E 128 -21.71 -15.11 -17.31
CA VAL E 128 -21.43 -16.12 -18.29
C VAL E 128 -20.24 -15.70 -19.16
N THR E 129 -20.53 -14.77 -20.09
CA THR E 129 -19.56 -14.23 -21.08
C THR E 129 -18.61 -13.10 -20.65
N GLY E 130 -19.17 -12.06 -20.05
CA GLY E 130 -18.36 -10.92 -19.61
C GLY E 130 -18.86 -9.64 -20.25
N ARG E 131 -19.77 -9.80 -21.21
CA ARG E 131 -20.37 -8.70 -21.97
C ARG E 131 -21.30 -7.73 -21.24
N GLN E 132 -20.83 -6.49 -21.05
CA GLN E 132 -21.63 -5.46 -20.40
C GLN E 132 -22.64 -4.95 -21.44
N SER E 133 -23.84 -4.60 -20.99
CA SER E 133 -24.89 -4.06 -21.87
C SER E 133 -25.81 -3.20 -21.00
N VAL E 134 -26.97 -2.84 -21.54
CA VAL E 134 -27.97 -2.07 -20.80
C VAL E 134 -29.38 -2.53 -21.20
N VAL E 135 -30.14 -3.00 -20.21
CA VAL E 135 -31.48 -3.52 -20.43
C VAL E 135 -32.63 -2.65 -19.90
N VAL E 136 -33.59 -2.39 -20.79
CA VAL E 136 -34.78 -1.62 -20.45
C VAL E 136 -35.95 -2.33 -21.14
N PRO E 137 -37.14 -2.37 -20.50
CA PRO E 137 -38.31 -3.04 -21.10
C PRO E 137 -39.07 -2.20 -22.14
N TYR E 138 -39.77 -2.86 -23.06
CA TYR E 138 -40.51 -2.18 -24.12
C TYR E 138 -41.61 -1.21 -23.68
N GLU E 139 -41.51 0.04 -24.11
CA GLU E 139 -42.55 1.01 -23.79
C GLU E 139 -43.29 1.29 -25.10
N PRO E 140 -44.59 0.97 -25.16
CA PRO E 140 -45.25 1.28 -26.42
C PRO E 140 -45.16 2.78 -26.56
N PRO E 141 -45.03 3.28 -27.79
CA PRO E 141 -44.94 4.74 -27.88
C PRO E 141 -46.18 5.27 -27.13
N GLN E 142 -46.00 6.12 -26.12
CA GLN E 142 -47.12 6.59 -25.29
C GLN E 142 -48.42 6.94 -26.06
N VAL E 143 -48.35 7.88 -27.00
CA VAL E 143 -49.50 8.20 -27.85
C VAL E 143 -49.11 7.30 -29.00
N GLY E 144 -47.80 7.34 -29.25
CA GLY E 144 -47.13 6.52 -30.24
C GLY E 144 -47.56 6.60 -31.69
N THR E 145 -47.94 7.80 -32.13
CA THR E 145 -48.37 7.99 -33.50
C THR E 145 -47.38 7.18 -34.35
N GLU E 146 -46.14 7.03 -33.87
CA GLU E 146 -45.19 6.23 -34.65
C GLU E 146 -44.22 5.31 -33.90
N PHE E 147 -43.11 5.83 -33.37
CA PHE E 147 -42.19 4.94 -32.69
C PHE E 147 -41.67 5.31 -31.31
N THR E 148 -41.50 4.28 -30.51
CA THR E 148 -41.01 4.40 -29.15
C THR E 148 -39.51 4.59 -29.15
N THR E 149 -39.09 5.85 -29.06
CA THR E 149 -37.67 6.20 -29.06
C THR E 149 -37.05 6.17 -27.67
N ILE E 150 -35.76 5.90 -27.61
CA ILE E 150 -35.03 5.87 -26.33
C ILE E 150 -33.76 6.74 -26.36
N LEU E 151 -33.35 7.18 -25.18
CA LEU E 151 -32.18 8.02 -25.01
C LEU E 151 -31.00 7.15 -24.58
N TYR E 152 -30.02 7.02 -25.47
CA TYR E 152 -28.79 6.24 -25.24
C TYR E 152 -27.62 7.22 -25.30
N ASN E 153 -26.67 7.13 -24.37
CA ASN E 153 -25.50 8.01 -24.42
C ASN E 153 -24.22 7.23 -24.20
N PHE E 154 -23.10 7.76 -24.71
CA PHE E 154 -21.81 7.07 -24.68
C PHE E 154 -20.66 7.56 -23.81
N MET E 155 -20.24 6.68 -22.90
CA MET E 155 -19.21 6.93 -21.92
C MET E 155 -17.76 7.03 -22.35
N CYS E 156 -17.41 6.54 -23.53
CA CYS E 156 -16.02 6.67 -23.96
C CYS E 156 -15.98 7.02 -25.42
N ASN E 157 -14.85 7.56 -25.86
CA ASN E 157 -14.70 7.91 -27.26
C ASN E 157 -14.30 6.61 -27.93
N SER E 158 -14.18 6.63 -29.26
CA SER E 158 -13.78 5.47 -30.03
C SER E 158 -12.24 5.49 -30.22
N SER E 159 -11.61 6.58 -29.82
CA SER E 159 -10.17 6.65 -29.90
C SER E 159 -9.62 6.50 -28.48
N CYS E 160 -10.48 6.70 -27.47
CA CYS E 160 -10.09 6.59 -26.04
C CYS E 160 -9.04 5.51 -25.92
N VAL E 161 -7.99 5.77 -25.14
CA VAL E 161 -7.00 4.73 -24.99
C VAL E 161 -7.47 3.78 -23.91
N GLY E 162 -6.83 2.62 -23.81
CA GLY E 162 -7.22 1.65 -22.80
C GLY E 162 -8.40 0.83 -23.26
N GLY E 163 -9.42 1.49 -23.81
CA GLY E 163 -10.58 0.74 -24.26
C GLY E 163 -10.54 0.42 -25.74
N MET E 164 -11.46 1.01 -26.48
CA MET E 164 -11.55 0.86 -27.92
C MET E 164 -10.54 1.86 -28.47
N ASN E 165 -9.30 1.44 -28.60
CA ASN E 165 -8.27 2.35 -29.08
C ASN E 165 -8.39 2.56 -30.57
N ARG E 166 -8.94 3.70 -30.97
CA ARG E 166 -9.08 4.01 -32.38
C ARG E 166 -9.82 2.87 -33.10
N ARG E 167 -10.45 1.98 -32.33
CA ARG E 167 -11.15 0.82 -32.87
C ARG E 167 -12.60 0.94 -33.32
N PRO E 168 -12.92 0.39 -34.49
CA PRO E 168 -14.26 0.40 -35.07
C PRO E 168 -15.13 -0.61 -34.31
N ILE E 169 -16.39 -0.25 -34.06
CA ILE E 169 -17.29 -1.15 -33.35
C ILE E 169 -18.70 -1.21 -33.94
N LEU E 170 -19.51 -2.09 -33.40
CA LEU E 170 -20.87 -2.28 -33.87
C LEU E 170 -21.86 -2.25 -32.71
N ILE E 171 -23.02 -1.65 -32.92
CA ILE E 171 -24.03 -1.61 -31.87
C ILE E 171 -24.90 -2.85 -32.07
N ILE E 172 -25.37 -3.45 -30.98
CA ILE E 172 -26.22 -4.64 -31.08
C ILE E 172 -27.45 -4.54 -30.16
N ILE E 173 -28.51 -3.97 -30.73
CA ILE E 173 -29.78 -3.78 -30.07
C ILE E 173 -30.63 -5.02 -30.32
N THR E 174 -31.15 -5.58 -29.25
CA THR E 174 -31.98 -6.77 -29.35
C THR E 174 -33.35 -6.64 -28.68
N LEU E 175 -34.35 -7.16 -29.36
CA LEU E 175 -35.72 -7.17 -28.89
C LEU E 175 -35.89 -8.55 -28.23
N GLU E 176 -35.63 -8.62 -26.92
CA GLU E 176 -35.69 -9.89 -26.20
C GLU E 176 -36.94 -10.14 -25.37
N MET E 177 -37.22 -11.41 -25.17
CA MET E 177 -38.37 -11.88 -24.42
C MET E 177 -37.93 -12.25 -23.01
N ARG E 178 -38.86 -12.15 -22.05
CA ARG E 178 -38.59 -12.47 -20.64
C ARG E 178 -37.57 -13.59 -20.40
N ASP E 179 -37.93 -14.81 -20.79
CA ASP E 179 -37.09 -16.00 -20.64
C ASP E 179 -35.69 -15.84 -21.23
N GLY E 180 -35.46 -14.68 -21.85
CA GLY E 180 -34.17 -14.41 -22.45
C GLY E 180 -34.14 -14.43 -23.96
N GLN E 181 -35.13 -15.06 -24.60
CA GLN E 181 -35.14 -15.15 -26.05
C GLN E 181 -35.19 -13.82 -26.82
N VAL E 182 -34.60 -13.81 -28.01
CA VAL E 182 -34.55 -12.65 -28.91
C VAL E 182 -35.49 -12.83 -30.11
N LEU E 183 -36.36 -11.85 -30.32
CA LEU E 183 -37.33 -11.88 -31.40
C LEU E 183 -37.06 -10.81 -32.44
N GLY E 184 -35.99 -10.07 -32.24
CA GLY E 184 -35.64 -9.01 -33.17
C GLY E 184 -34.24 -8.46 -32.92
N ARG E 185 -33.51 -8.18 -33.99
CA ARG E 185 -32.16 -7.69 -33.88
C ARG E 185 -31.73 -6.74 -34.99
N ARG E 186 -31.19 -5.61 -34.57
CA ARG E 186 -30.70 -4.63 -35.52
C ARG E 186 -29.33 -4.23 -35.00
N SER E 187 -28.47 -3.74 -35.89
CA SER E 187 -27.14 -3.34 -35.50
C SER E 187 -26.58 -2.30 -36.46
N PHE E 188 -25.32 -1.92 -36.24
CA PHE E 188 -24.64 -0.92 -37.07
C PHE E 188 -23.30 -0.46 -36.47
N GLU E 189 -22.47 0.14 -37.32
CA GLU E 189 -21.18 0.64 -36.87
C GLU E 189 -21.44 1.95 -36.15
N GLY E 190 -20.76 2.13 -35.02
CA GLY E 190 -20.92 3.36 -34.28
C GLY E 190 -19.55 3.96 -34.13
N ARG E 191 -19.47 5.28 -33.98
CA ARG E 191 -18.18 5.92 -33.84
C ARG E 191 -18.29 7.09 -32.93
N ILE E 192 -17.69 7.02 -31.75
CA ILE E 192 -17.75 8.12 -30.82
C ILE E 192 -16.75 9.19 -31.21
N CYS E 193 -17.28 10.31 -31.72
CA CYS E 193 -16.45 11.41 -32.19
C CYS E 193 -16.69 12.65 -31.37
N ALA E 194 -15.79 13.62 -31.54
CA ALA E 194 -15.92 14.88 -30.83
C ALA E 194 -16.62 15.79 -31.78
N CYS E 195 -16.78 15.31 -33.01
CA CYS E 195 -17.45 16.06 -34.06
C CYS E 195 -17.85 15.22 -35.28
N PRO E 196 -19.02 14.58 -35.21
CA PRO E 196 -19.50 13.74 -36.31
C PRO E 196 -19.51 14.50 -37.63
N GLY E 197 -19.88 15.78 -37.59
CA GLY E 197 -19.92 16.58 -38.80
C GLY E 197 -18.81 16.21 -39.78
N ARG E 198 -17.59 16.58 -39.40
CA ARG E 198 -16.36 16.34 -40.16
C ARG E 198 -16.20 14.91 -40.66
N ASP E 199 -16.23 14.02 -39.69
CA ASP E 199 -16.05 12.60 -39.92
C ASP E 199 -17.00 11.93 -40.89
N ARG E 200 -18.27 12.32 -40.92
CA ARG E 200 -19.15 11.71 -41.89
C ARG E 200 -18.62 12.13 -43.26
N LYS E 201 -18.52 13.44 -43.47
CA LYS E 201 -18.01 14.01 -44.72
C LYS E 201 -16.78 13.23 -45.20
N ALA E 202 -15.80 13.04 -44.33
CA ALA E 202 -14.62 12.30 -44.72
C ALA E 202 -15.09 11.00 -45.36
N ASP E 203 -15.58 10.08 -44.54
CA ASP E 203 -16.05 8.78 -45.00
C ASP E 203 -16.84 8.78 -46.32
N GLU E 204 -18.03 9.39 -46.31
CA GLU E 204 -18.87 9.44 -47.50
C GLU E 204 -18.09 9.81 -48.76
N ASP E 205 -17.07 10.64 -48.59
CA ASP E 205 -16.24 11.04 -49.70
C ASP E 205 -15.14 10.01 -49.88
N HIS E 206 -14.52 9.60 -48.78
CA HIS E 206 -13.47 8.60 -48.86
C HIS E 206 -14.12 7.39 -49.51
N TYR E 207 -15.36 7.09 -49.08
CA TYR E 207 -16.10 5.97 -49.65
C TYR E 207 -16.23 6.27 -51.13
N ARG E 208 -16.69 7.47 -51.43
CA ARG E 208 -16.89 7.91 -52.81
C ARG E 208 -15.61 8.08 -53.64
N GLU E 209 -14.60 8.72 -53.07
CA GLU E 209 -13.35 8.97 -53.77
C GLU E 209 -12.66 7.66 -54.18
N GLN E 210 -12.24 6.85 -53.20
CA GLN E 210 -11.58 5.56 -53.45
C GLN E 210 -10.49 5.50 -54.53
N HIS F 9 12.62 18.76 9.36
CA HIS F 9 11.90 18.88 8.07
C HIS F 9 12.81 18.55 6.89
N HIS F 10 12.30 17.71 5.99
CA HIS F 10 13.05 17.28 4.80
C HIS F 10 12.28 17.50 3.51
N GLU F 11 10.97 17.72 3.62
CA GLU F 11 10.14 17.96 2.44
C GLU F 11 8.98 18.94 2.67
N PHE F 12 8.97 20.01 1.86
CA PHE F 12 7.98 21.09 1.87
C PHE F 12 7.48 21.26 0.42
N ILE F 13 6.28 21.82 0.25
CA ILE F 13 5.70 22.02 -1.09
C ILE F 13 6.60 22.80 -2.07
N PRO F 14 7.06 22.09 -3.10
CA PRO F 14 8.08 22.50 -4.07
C PRO F 14 8.42 23.99 -4.24
N SER F 15 9.72 24.25 -4.33
CA SER F 15 10.32 25.57 -4.38
C SER F 15 11.09 25.60 -5.70
N ASN F 16 10.70 26.46 -6.64
CA ASN F 16 11.39 26.49 -7.93
C ASN F 16 12.43 27.59 -8.22
N THR F 17 12.58 28.56 -7.32
CA THR F 17 13.57 29.61 -7.53
C THR F 17 15.00 29.05 -7.48
N ASP F 18 15.77 29.24 -8.54
CA ASP F 18 17.15 28.71 -8.60
C ASP F 18 18.03 28.99 -7.38
N TYR F 19 18.91 28.04 -7.05
CA TYR F 19 19.85 28.18 -5.95
C TYR F 19 21.20 27.53 -6.25
N PRO F 20 22.10 28.28 -6.92
CA PRO F 20 23.44 27.83 -7.29
C PRO F 20 24.13 27.01 -6.21
N GLY F 21 23.97 27.42 -4.96
CA GLY F 21 24.58 26.69 -3.87
C GLY F 21 26.05 26.94 -3.66
N PRO F 22 26.62 26.45 -2.54
CA PRO F 22 28.02 26.59 -2.16
C PRO F 22 28.97 25.82 -3.06
N HIS F 23 28.45 25.31 -4.15
CA HIS F 23 29.27 24.56 -5.08
C HIS F 23 28.99 25.03 -6.51
N HIS F 24 28.51 26.27 -6.64
CA HIS F 24 28.15 26.85 -7.95
C HIS F 24 27.63 25.78 -8.88
N PHE F 25 26.63 25.04 -8.41
CA PHE F 25 26.05 23.96 -9.17
C PHE F 25 24.97 24.41 -10.13
N GLU F 26 24.98 23.82 -11.32
CA GLU F 26 23.97 24.08 -12.33
C GLU F 26 23.71 22.84 -13.17
N VAL F 27 22.54 22.81 -13.78
CA VAL F 27 22.12 21.68 -14.61
C VAL F 27 22.26 22.02 -16.10
N THR F 28 23.09 21.22 -16.77
CA THR F 28 23.40 21.41 -18.18
C THR F 28 23.25 20.15 -19.05
N PHE F 29 22.65 20.31 -20.23
CA PHE F 29 22.55 19.18 -21.16
C PHE F 29 23.39 19.40 -22.41
N GLN F 30 23.78 18.28 -22.99
CA GLN F 30 24.59 18.25 -24.18
C GLN F 30 23.75 18.76 -25.33
N GLN F 31 24.38 18.90 -26.50
CA GLN F 31 23.69 19.38 -27.67
C GLN F 31 22.69 18.35 -28.14
N SER F 32 21.44 18.63 -27.79
CA SER F 32 20.32 17.79 -28.14
C SER F 32 20.20 17.61 -29.63
N SER F 33 19.75 16.43 -30.02
CA SER F 33 19.58 16.09 -31.43
C SER F 33 18.78 17.18 -32.12
N THR F 34 19.34 17.78 -33.16
CA THR F 34 18.62 18.83 -33.86
C THR F 34 17.36 18.30 -34.54
N ALA F 35 17.51 17.11 -35.10
CA ALA F 35 16.45 16.41 -35.84
C ALA F 35 15.07 16.61 -35.25
N LYS F 36 14.08 16.96 -36.07
CA LYS F 36 12.74 17.22 -35.55
C LYS F 36 11.85 16.02 -35.15
N SER F 37 12.47 14.91 -34.78
CA SER F 37 11.74 13.70 -34.37
C SER F 37 12.58 12.96 -33.36
N ALA F 38 13.64 13.64 -32.91
CA ALA F 38 14.60 13.08 -31.96
C ALA F 38 14.04 12.62 -30.64
N THR F 39 14.74 11.67 -30.03
CA THR F 39 14.33 11.13 -28.75
C THR F 39 14.17 12.32 -27.82
N TRP F 40 15.14 13.22 -27.83
CA TRP F 40 15.08 14.40 -26.99
C TRP F 40 15.80 15.57 -27.61
N THR F 41 15.31 16.76 -27.32
CA THR F 41 15.89 17.98 -27.81
C THR F 41 15.57 19.10 -26.81
N TYR F 42 16.41 20.14 -26.78
CA TYR F 42 16.26 21.27 -25.86
C TYR F 42 16.32 22.62 -26.61
N SER F 43 16.16 23.71 -25.85
CA SER F 43 16.21 25.08 -26.34
C SER F 43 16.35 26.03 -25.17
N PRO F 44 17.59 26.49 -24.91
CA PRO F 44 17.90 27.41 -23.81
C PRO F 44 17.13 28.72 -23.97
N LEU F 45 16.58 28.90 -25.17
CA LEU F 45 15.80 30.08 -25.52
C LEU F 45 14.48 30.02 -24.80
N LEU F 46 13.81 28.88 -24.91
CA LEU F 46 12.55 28.72 -24.24
C LEU F 46 12.74 28.13 -22.85
N LYS F 47 13.99 27.81 -22.50
CA LYS F 47 14.34 27.26 -21.19
C LYS F 47 13.59 25.96 -20.93
N LYS F 48 13.00 25.41 -21.98
CA LYS F 48 12.21 24.19 -21.87
C LYS F 48 12.75 22.97 -22.65
N LEU F 49 12.67 21.78 -22.03
CA LEU F 49 13.16 20.51 -22.58
C LEU F 49 12.12 19.65 -23.30
N TYR F 50 12.60 18.77 -24.18
CA TYR F 50 11.70 17.91 -24.96
C TYR F 50 12.14 16.45 -25.17
N CYS F 51 11.39 15.50 -24.63
CA CYS F 51 11.72 14.11 -24.89
C CYS F 51 10.41 13.35 -24.96
N GLN F 52 10.41 12.25 -25.71
CA GLN F 52 9.21 11.42 -25.89
C GLN F 52 9.02 10.55 -24.65
N ILE F 53 8.00 9.70 -24.63
CA ILE F 53 7.72 8.92 -23.43
C ILE F 53 8.77 8.06 -22.74
N ALA F 54 9.34 7.07 -23.40
CA ALA F 54 10.29 6.27 -22.66
C ALA F 54 11.74 6.64 -22.89
N LYS F 55 12.06 7.05 -24.12
CA LYS F 55 13.43 7.42 -24.52
C LYS F 55 14.32 8.02 -23.43
N THR F 56 15.61 7.64 -23.44
CA THR F 56 16.57 8.15 -22.46
C THR F 56 16.82 9.63 -22.69
N CYS F 57 16.62 10.41 -21.64
CA CYS F 57 16.78 11.85 -21.67
C CYS F 57 17.92 12.15 -20.69
N PRO F 58 19.14 12.33 -21.19
CA PRO F 58 20.30 12.61 -20.34
C PRO F 58 20.45 14.07 -20.01
N ILE F 59 21.21 14.35 -18.97
CA ILE F 59 21.51 15.73 -18.58
C ILE F 59 22.74 15.71 -17.67
N GLN F 60 23.70 16.62 -17.91
CA GLN F 60 24.89 16.64 -17.10
C GLN F 60 24.76 17.69 -16.00
N ILE F 61 25.46 17.43 -14.89
CA ILE F 61 25.41 18.32 -13.75
C ILE F 61 26.86 18.64 -13.34
N LYS F 62 27.11 19.89 -12.94
CA LYS F 62 28.45 20.31 -12.52
C LYS F 62 28.47 21.09 -11.21
N VAL F 63 29.41 20.71 -10.36
CA VAL F 63 29.63 21.38 -9.09
C VAL F 63 30.82 22.26 -9.44
N SER F 64 31.25 23.10 -8.51
CA SER F 64 32.41 23.94 -8.77
C SER F 64 33.41 23.44 -7.73
N THR F 65 32.87 22.65 -6.81
CA THR F 65 33.65 22.07 -5.74
C THR F 65 32.91 20.83 -5.24
N PRO F 66 33.65 19.89 -4.64
CA PRO F 66 33.03 18.66 -4.14
C PRO F 66 31.97 18.85 -3.05
N PRO F 67 30.82 18.18 -3.19
CA PRO F 67 29.76 18.30 -2.18
C PRO F 67 29.98 17.24 -1.10
N PRO F 68 29.48 17.54 0.10
CA PRO F 68 29.73 16.73 1.28
C PRO F 68 29.24 15.30 1.13
N PRO F 69 30.06 14.37 1.61
CA PRO F 69 29.76 12.94 1.48
C PRO F 69 28.31 12.63 1.79
N GLY F 70 27.70 11.81 0.92
CA GLY F 70 26.32 11.43 1.10
C GLY F 70 25.38 12.29 0.28
N THR F 71 25.90 13.41 -0.19
CA THR F 71 25.11 14.31 -1.01
C THR F 71 24.47 13.49 -2.09
N ALA F 72 23.27 13.87 -2.48
CA ALA F 72 22.56 13.17 -3.53
C ALA F 72 21.85 14.20 -4.38
N ILE F 73 21.17 13.74 -5.43
CA ILE F 73 20.41 14.63 -6.32
C ILE F 73 18.98 14.13 -6.46
N ARG F 74 18.04 15.07 -6.44
CA ARG F 74 16.63 14.73 -6.52
C ARG F 74 15.88 15.39 -7.67
N ALA F 75 15.34 14.54 -8.54
CA ALA F 75 14.57 15.01 -9.67
C ALA F 75 13.10 14.92 -9.26
N MET F 76 12.36 16.02 -9.41
CA MET F 76 10.94 16.05 -9.08
C MET F 76 10.18 16.96 -10.01
N PRO F 77 9.00 16.51 -10.48
CA PRO F 77 8.12 17.22 -11.39
C PRO F 77 7.03 17.98 -10.65
N VAL F 78 6.74 19.18 -11.14
CA VAL F 78 5.71 20.04 -10.57
C VAL F 78 5.02 20.89 -11.63
N TYR F 79 3.68 20.88 -11.62
CA TYR F 79 2.91 21.65 -12.57
C TYR F 79 3.39 23.12 -12.55
N LYS F 80 3.38 23.77 -13.72
CA LYS F 80 3.83 25.15 -13.83
C LYS F 80 2.76 26.16 -13.49
N LYS F 81 1.55 25.93 -13.97
CA LYS F 81 0.46 26.88 -13.72
C LYS F 81 -0.14 26.83 -12.31
N ALA F 82 -0.25 28.01 -11.68
CA ALA F 82 -0.79 28.17 -10.33
C ALA F 82 -2.02 27.30 -10.02
N GLU F 83 -3.09 27.46 -10.81
CA GLU F 83 -4.35 26.71 -10.68
C GLU F 83 -4.04 25.24 -10.49
N HIS F 84 -2.92 24.84 -11.10
CA HIS F 84 -2.42 23.47 -11.05
C HIS F 84 -1.36 23.20 -9.96
N VAL F 85 -0.54 24.19 -9.65
CA VAL F 85 0.53 24.03 -8.66
C VAL F 85 0.18 23.09 -7.51
N THR F 86 -1.01 23.29 -6.97
CA THR F 86 -1.48 22.51 -5.84
C THR F 86 -1.56 21.01 -6.08
N ASP F 87 -1.60 20.60 -7.35
CA ASP F 87 -1.71 19.18 -7.72
C ASP F 87 -0.38 18.44 -7.78
N VAL F 88 -0.40 17.20 -7.31
CA VAL F 88 0.81 16.38 -7.34
C VAL F 88 0.90 15.86 -8.75
N VAL F 89 2.08 15.45 -9.14
CA VAL F 89 2.27 14.96 -10.49
C VAL F 89 2.44 13.47 -10.53
N LYS F 90 1.44 12.76 -11.04
CA LYS F 90 1.55 11.31 -11.12
C LYS F 90 1.23 10.81 -12.51
N ARG F 91 1.75 9.62 -12.81
CA ARG F 91 1.58 8.98 -14.10
C ARG F 91 0.11 8.70 -14.40
N CYS F 92 -0.28 8.92 -15.65
CA CYS F 92 -1.64 8.67 -16.13
C CYS F 92 -2.21 7.43 -15.44
N PRO F 93 -3.23 7.55 -14.57
CA PRO F 93 -3.69 6.27 -13.99
C PRO F 93 -3.88 5.24 -15.12
N ASN F 94 -3.92 5.77 -16.35
CA ASN F 94 -4.02 4.98 -17.56
C ASN F 94 -2.71 4.18 -17.65
N HIS F 95 -1.64 4.88 -18.02
CA HIS F 95 -0.32 4.26 -18.13
C HIS F 95 0.05 3.50 -16.87
N GLU F 96 -0.16 4.17 -15.72
CA GLU F 96 0.14 3.57 -14.42
C GLU F 96 -0.47 2.21 -14.46
N LEU F 97 -1.79 2.18 -14.54
CA LEU F 97 -2.45 0.90 -14.59
C LEU F 97 -2.03 0.08 -15.79
N GLY F 98 -1.02 0.55 -16.52
CA GLY F 98 -0.57 -0.15 -17.70
C GLY F 98 0.13 -1.50 -17.54
N ARG F 99 -0.22 -2.42 -18.42
CA ARG F 99 0.40 -3.74 -18.38
C ARG F 99 1.83 -3.57 -18.87
N ASP F 100 2.02 -2.73 -19.88
CA ASP F 100 3.34 -2.53 -20.45
C ASP F 100 4.08 -1.40 -19.76
N PHE F 101 5.41 -1.49 -19.76
CA PHE F 101 6.27 -0.47 -19.14
C PHE F 101 6.29 -0.63 -17.65
N ASN F 102 5.37 -1.42 -17.14
CA ASN F 102 5.32 -1.61 -15.73
C ASN F 102 5.88 -2.97 -15.32
N GLU F 103 6.33 -3.72 -16.32
CA GLU F 103 6.91 -5.04 -16.07
C GLU F 103 8.42 -5.09 -16.36
N GLY F 104 9.19 -5.46 -15.34
CA GLY F 104 10.63 -5.51 -15.49
C GLY F 104 11.22 -4.14 -15.26
N GLN F 105 10.67 -3.44 -14.28
CA GLN F 105 11.12 -2.11 -13.91
C GLN F 105 10.97 -1.97 -12.41
N SER F 106 12.06 -1.70 -11.68
CA SER F 106 11.94 -1.56 -10.23
C SER F 106 11.16 -0.28 -9.98
N ALA F 107 11.35 0.71 -10.87
CA ALA F 107 10.67 1.99 -10.75
C ALA F 107 9.17 1.77 -10.61
N PRO F 108 8.54 2.41 -9.61
CA PRO F 108 7.09 2.26 -9.42
C PRO F 108 6.25 2.90 -10.56
N ALA F 109 5.24 2.16 -11.01
CA ALA F 109 4.36 2.57 -12.10
C ALA F 109 3.77 3.92 -11.87
N SER F 110 3.22 4.10 -10.67
CA SER F 110 2.60 5.33 -10.27
C SER F 110 3.49 6.53 -10.62
N HIS F 111 4.79 6.37 -10.45
CA HIS F 111 5.76 7.44 -10.74
C HIS F 111 5.74 7.95 -12.17
N LEU F 112 6.29 9.14 -12.38
CA LEU F 112 6.34 9.70 -13.71
C LEU F 112 7.78 9.78 -14.19
N ILE F 113 8.68 10.21 -13.32
CA ILE F 113 10.08 10.28 -13.71
C ILE F 113 10.87 9.13 -13.12
N ARG F 114 11.59 8.45 -14.00
CA ARG F 114 12.39 7.33 -13.60
C ARG F 114 13.85 7.64 -13.91
N VAL F 115 14.77 6.96 -13.23
CA VAL F 115 16.21 7.12 -13.46
C VAL F 115 16.71 5.86 -14.18
N GLU F 116 16.97 5.98 -15.48
CA GLU F 116 17.41 4.85 -16.27
C GLU F 116 18.87 4.50 -16.09
N GLY F 117 19.19 3.51 -15.27
CA GLY F 117 20.57 3.12 -15.16
C GLY F 117 21.38 3.20 -13.88
N ASN F 118 20.97 3.98 -12.90
CA ASN F 118 21.75 4.05 -11.68
C ASN F 118 21.35 2.92 -10.75
N ASN F 119 22.25 1.95 -10.57
CA ASN F 119 21.99 0.78 -9.74
C ASN F 119 21.55 1.14 -8.33
N LEU F 120 21.53 2.43 -8.02
CA LEU F 120 21.09 2.88 -6.70
C LEU F 120 19.93 3.88 -6.81
N SER F 121 19.17 3.78 -7.90
CA SER F 121 18.02 4.63 -8.14
C SER F 121 17.13 4.55 -6.88
N GLN F 122 16.79 5.71 -6.32
CA GLN F 122 15.95 5.79 -5.12
C GLN F 122 14.65 6.57 -5.37
N TYR F 123 13.52 5.87 -5.33
CA TYR F 123 12.20 6.49 -5.55
C TYR F 123 11.34 6.47 -4.32
N VAL F 124 10.84 7.62 -3.88
CA VAL F 124 9.89 7.61 -2.77
C VAL F 124 9.06 8.87 -2.82
N ASP F 125 7.85 8.70 -2.31
CA ASP F 125 6.78 9.69 -2.24
C ASP F 125 6.67 10.32 -0.86
N ASP F 126 6.74 11.66 -0.83
CA ASP F 126 6.67 12.39 0.43
C ASP F 126 5.41 12.02 1.19
N PRO F 127 5.54 11.26 2.29
CA PRO F 127 4.38 10.85 3.09
C PRO F 127 3.76 12.03 3.82
N VAL F 128 4.27 13.22 3.54
CA VAL F 128 3.74 14.41 4.17
C VAL F 128 2.93 15.21 3.16
N THR F 129 3.59 15.65 2.09
CA THR F 129 2.92 16.43 1.05
C THR F 129 2.28 15.51 0.03
N GLY F 130 3.00 14.45 -0.32
CA GLY F 130 2.52 13.48 -1.28
C GLY F 130 3.42 13.35 -2.49
N ARG F 131 4.12 14.44 -2.78
CA ARG F 131 5.02 14.58 -3.93
C ARG F 131 5.85 13.35 -4.26
N GLN F 132 5.82 12.96 -5.54
CA GLN F 132 6.58 11.82 -6.02
C GLN F 132 7.84 12.24 -6.70
N SER F 133 8.94 11.51 -6.46
CA SER F 133 10.18 11.88 -7.12
C SER F 133 11.19 10.77 -7.09
N VAL F 134 12.33 11.00 -7.72
CA VAL F 134 13.39 10.01 -7.77
C VAL F 134 14.75 10.61 -7.38
N VAL F 135 15.31 10.09 -6.29
CA VAL F 135 16.58 10.55 -5.72
C VAL F 135 17.72 9.64 -6.16
N VAL F 136 18.95 10.11 -5.98
CA VAL F 136 20.10 9.33 -6.40
C VAL F 136 21.41 9.91 -5.83
N PRO F 137 22.35 9.02 -5.44
CA PRO F 137 23.66 9.36 -4.88
C PRO F 137 24.54 10.14 -5.84
N TYR F 138 24.91 11.35 -5.43
CA TYR F 138 25.74 12.18 -6.27
C TYR F 138 26.87 11.30 -6.72
N GLU F 139 27.13 11.27 -8.01
CA GLU F 139 28.26 10.50 -8.49
C GLU F 139 29.27 11.56 -8.93
N PRO F 140 30.49 11.52 -8.39
CA PRO F 140 31.51 12.50 -8.75
C PRO F 140 31.86 12.47 -10.22
N PRO F 141 32.15 13.64 -10.81
CA PRO F 141 32.52 13.76 -12.23
C PRO F 141 33.55 12.73 -12.63
N GLN F 142 33.16 11.86 -13.55
CA GLN F 142 34.05 10.82 -14.07
C GLN F 142 35.26 11.55 -14.66
N VAL F 143 36.37 10.85 -14.85
CA VAL F 143 37.56 11.51 -15.39
C VAL F 143 37.46 11.86 -16.87
N GLY F 144 38.21 12.89 -17.26
CA GLY F 144 38.17 13.36 -18.63
C GLY F 144 36.74 13.84 -18.83
N THR F 145 36.17 14.34 -17.74
CA THR F 145 34.79 14.83 -17.74
C THR F 145 34.57 15.83 -16.59
N GLU F 146 34.06 17.00 -16.93
CA GLU F 146 33.76 18.01 -15.93
C GLU F 146 32.26 17.91 -15.71
N PHE F 147 31.74 16.74 -15.98
CA PHE F 147 30.33 16.51 -15.81
C PHE F 147 30.04 15.21 -15.09
N THR F 148 28.85 15.19 -14.49
CA THR F 148 28.26 14.04 -13.80
C THR F 148 26.99 13.95 -14.67
N THR F 149 26.85 12.86 -15.42
CA THR F 149 25.70 12.75 -16.31
C THR F 149 24.68 11.77 -15.78
N ILE F 150 23.41 12.13 -15.94
CA ILE F 150 22.33 11.27 -15.47
C ILE F 150 21.20 11.15 -16.51
N LEU F 151 20.63 9.95 -16.58
CA LEU F 151 19.58 9.65 -17.55
C LEU F 151 18.21 9.50 -16.90
N TYR F 152 17.23 10.20 -17.45
CA TYR F 152 15.85 10.18 -16.96
C TYR F 152 14.84 9.69 -17.97
N ASN F 153 13.82 8.99 -17.47
CA ASN F 153 12.72 8.49 -18.29
C ASN F 153 11.45 9.10 -17.71
N PHE F 154 10.47 9.37 -18.57
CA PHE F 154 9.21 9.98 -18.15
C PHE F 154 8.05 9.14 -18.66
N MET F 155 7.55 8.21 -17.85
CA MET F 155 6.48 7.31 -18.28
C MET F 155 5.07 7.87 -18.49
N CYS F 156 4.96 9.01 -19.19
CA CYS F 156 3.66 9.61 -19.50
C CYS F 156 3.83 10.92 -20.26
N ASN F 157 3.05 11.07 -21.33
CA ASN F 157 3.09 12.29 -22.14
C ASN F 157 2.42 13.43 -21.39
N SER F 158 2.78 14.66 -21.73
CA SER F 158 2.15 15.81 -21.08
C SER F 158 0.71 15.81 -21.59
N SER F 159 0.55 15.38 -22.85
CA SER F 159 -0.76 15.30 -23.47
C SER F 159 -1.58 14.20 -22.77
N CYS F 160 -0.90 13.12 -22.39
CA CYS F 160 -1.55 12.00 -21.70
C CYS F 160 -2.80 12.50 -20.96
N VAL F 161 -3.90 11.78 -21.08
CA VAL F 161 -5.15 12.19 -20.43
C VAL F 161 -5.33 11.77 -18.97
N GLY F 162 -6.14 12.56 -18.26
CA GLY F 162 -6.45 12.29 -16.87
C GLY F 162 -5.21 12.33 -16.01
N GLY F 163 -4.18 13.02 -16.49
CA GLY F 163 -2.95 13.13 -15.72
C GLY F 163 -2.36 14.52 -15.91
N MET F 164 -1.17 14.58 -16.49
CA MET F 164 -0.53 15.85 -16.76
C MET F 164 -1.50 16.62 -17.65
N ASN F 165 -2.34 15.86 -18.32
CA ASN F 165 -3.37 16.39 -19.18
C ASN F 165 -3.03 17.68 -19.93
N ARG F 166 -1.84 17.69 -20.55
CA ARG F 166 -1.36 18.83 -21.32
C ARG F 166 -1.02 20.07 -20.47
N ARG F 167 -1.19 19.96 -19.15
CA ARG F 167 -0.85 21.05 -18.25
C ARG F 167 0.68 21.08 -18.31
N PRO F 168 1.28 22.27 -18.43
CA PRO F 168 2.74 22.27 -18.49
C PRO F 168 3.29 22.00 -17.11
N ILE F 169 4.58 21.67 -17.05
CA ILE F 169 5.19 21.42 -15.77
C ILE F 169 6.68 21.72 -15.80
N LEU F 170 7.19 22.31 -14.73
CA LEU F 170 8.62 22.56 -14.65
C LEU F 170 9.16 21.35 -13.90
N ILE F 171 10.46 21.10 -14.07
CA ILE F 171 11.11 19.99 -13.38
C ILE F 171 12.13 20.61 -12.43
N ILE F 172 12.14 20.15 -11.18
CA ILE F 172 13.03 20.69 -10.19
C ILE F 172 14.04 19.66 -9.71
N ILE F 173 15.30 19.92 -10.04
CA ILE F 173 16.37 19.06 -9.59
C ILE F 173 16.98 19.73 -8.35
N THR F 174 17.16 18.94 -7.32
CA THR F 174 17.73 19.45 -6.10
C THR F 174 19.07 18.74 -5.85
N LEU F 175 19.97 19.46 -5.20
CA LEU F 175 21.31 19.00 -4.84
C LEU F 175 21.21 18.99 -3.33
N GLU F 176 21.03 17.85 -2.70
CA GLU F 176 20.90 17.88 -1.26
C GLU F 176 21.71 16.88 -0.46
N MET F 177 21.84 17.17 0.82
CA MET F 177 22.55 16.33 1.75
C MET F 177 21.67 15.14 2.04
N ARG F 178 22.27 14.12 2.66
CA ARG F 178 21.55 12.91 3.03
C ARG F 178 20.27 13.36 3.77
N ASP F 179 20.45 14.29 4.72
CA ASP F 179 19.32 14.80 5.50
C ASP F 179 18.48 15.66 4.58
N GLY F 180 18.83 15.66 3.30
CA GLY F 180 18.07 16.43 2.34
C GLY F 180 18.19 17.94 2.32
N GLN F 181 19.02 18.53 3.19
CA GLN F 181 19.15 19.98 3.16
C GLN F 181 19.69 20.35 1.78
N VAL F 182 18.89 21.06 1.00
CA VAL F 182 19.29 21.43 -0.35
C VAL F 182 20.44 22.43 -0.44
N LEU F 183 21.41 22.07 -1.26
CA LEU F 183 22.61 22.86 -1.51
C LEU F 183 22.41 23.62 -2.81
N GLY F 184 21.83 22.96 -3.80
CA GLY F 184 21.59 23.62 -5.06
C GLY F 184 20.24 23.26 -5.64
N ARG F 185 19.67 24.17 -6.41
CA ARG F 185 18.38 23.89 -7.01
C ARG F 185 18.33 24.55 -8.37
N ARG F 186 17.91 23.79 -9.37
CA ARG F 186 17.82 24.31 -10.72
C ARG F 186 16.57 23.72 -11.30
N SER F 187 15.98 24.41 -12.28
CA SER F 187 14.75 23.94 -12.90
C SER F 187 14.54 24.40 -14.32
N PHE F 188 13.56 23.78 -14.99
CA PHE F 188 13.21 24.07 -16.39
C PHE F 188 11.84 23.49 -16.74
N GLU F 189 11.25 23.92 -17.88
CA GLU F 189 9.94 23.40 -18.30
C GLU F 189 10.10 22.12 -19.13
N GLY F 190 9.23 21.16 -18.91
CA GLY F 190 9.31 19.94 -19.67
C GLY F 190 8.02 19.70 -20.42
N ARG F 191 8.09 19.03 -21.56
CA ARG F 191 6.92 18.70 -22.36
C ARG F 191 7.16 17.34 -22.94
N ILE F 192 6.53 16.33 -22.36
CA ILE F 192 6.70 14.98 -22.87
C ILE F 192 5.80 14.84 -24.08
N CYS F 193 6.40 14.98 -25.25
CA CYS F 193 5.64 14.93 -26.46
C CYS F 193 6.11 13.91 -27.47
N ALA F 194 5.47 13.95 -28.63
CA ALA F 194 5.79 13.05 -29.70
C ALA F 194 6.96 13.54 -30.51
N CYS F 195 6.88 14.78 -30.97
CA CYS F 195 7.94 15.29 -31.82
C CYS F 195 8.74 16.47 -31.26
N PRO F 196 9.60 16.22 -30.27
CA PRO F 196 10.41 17.29 -29.67
C PRO F 196 10.82 18.30 -30.72
N GLY F 197 11.68 17.86 -31.63
CA GLY F 197 12.17 18.74 -32.68
C GLY F 197 11.08 19.53 -33.39
N ARG F 198 9.83 19.18 -33.13
CA ARG F 198 8.75 19.90 -33.75
C ARG F 198 8.22 20.84 -32.74
N ASP F 199 7.44 20.27 -31.84
CA ASP F 199 6.85 21.01 -30.75
C ASP F 199 7.80 22.12 -30.26
N ARG F 200 9.10 21.85 -30.26
CA ARG F 200 10.04 22.87 -29.81
C ARG F 200 10.16 23.96 -30.86
N LYS F 201 10.52 23.57 -32.09
CA LYS F 201 10.67 24.52 -33.18
C LYS F 201 9.52 25.52 -33.14
N ALA F 202 8.32 25.03 -33.38
CA ALA F 202 7.12 25.87 -33.35
C ALA F 202 7.17 26.82 -32.18
N ASP F 203 7.18 26.26 -30.97
CA ASP F 203 7.23 27.07 -29.76
C ASP F 203 8.20 28.25 -29.91
N GLU F 204 9.35 28.01 -30.52
CA GLU F 204 10.34 29.08 -30.71
C GLU F 204 9.76 30.14 -31.63
N ASP F 205 9.34 29.69 -32.81
CA ASP F 205 8.79 30.58 -33.79
C ASP F 205 7.61 31.38 -33.22
N HIS F 206 6.82 30.76 -32.35
CA HIS F 206 5.67 31.47 -31.79
C HIS F 206 6.00 32.56 -30.80
N TYR F 207 7.20 32.53 -30.21
CA TYR F 207 7.55 33.59 -29.30
C TYR F 207 8.18 34.71 -30.09
N ARG F 208 8.98 34.32 -31.08
CA ARG F 208 9.67 35.27 -31.95
C ARG F 208 8.66 36.14 -32.72
N GLU F 209 7.48 35.59 -32.94
CA GLU F 209 6.42 36.28 -33.68
C GLU F 209 5.78 37.44 -32.92
N GLN F 210 5.54 37.24 -31.63
CA GLN F 210 4.92 38.28 -30.79
C GLN F 210 5.97 39.29 -30.35
#